data_6K9N
#
_entry.id   6K9N
#
_cell.length_a   59.688
_cell.length_b   144.810
_cell.length_c   155.848
_cell.angle_alpha   90.000
_cell.angle_beta   90.000
_cell.angle_gamma   90.000
#
_symmetry.space_group_name_H-M   'P 21 21 21'
#
loop_
_entity.id
_entity.type
_entity.pdbx_description
1 polymer 'Ubiquitin thioesterase'
2 water water
#
_entity_poly.entity_id   1
_entity_poly.type   'polypeptide(L)'
_entity_poly.pdbx_seq_one_letter_code
;KLPYVGDKEPLSTLAAEFQSGSPILQEKIKLLGEQYDALRRTRGDGNCFYRSFMFSYLEHILETQDKAEVERILKKIEQC
KKTLADLGYIEFTFEDFFSIFIDQLESVLQGHESSIGAEELLERTRDQMVSDYVVMFFRFVTSGEIQRRAEFFEPFISGL
TNSTVVQFCKASVEPMGEESDHVHIIALSDALGVPIRVMYLDRSSCDAGNISVNHHDFSPEANSSDGAAAAEKPYITLLY
RPGHYDILYPK
;
_entity_poly.pdbx_strand_id   A,B,C,D
#
# COMPACT_ATOMS: atom_id res chain seq x y z
N LEU A 2 -8.96 -3.61 6.57
CA LEU A 2 -9.83 -4.52 7.29
C LEU A 2 -9.64 -6.04 7.04
N PRO A 3 -9.09 -6.48 5.90
CA PRO A 3 -8.92 -7.93 5.72
C PRO A 3 -7.87 -8.50 6.66
N TYR A 4 -8.02 -9.80 6.96
CA TYR A 4 -7.06 -10.48 7.83
C TYR A 4 -5.65 -10.36 7.28
N VAL A 5 -5.50 -10.56 5.97
CA VAL A 5 -4.24 -10.40 5.27
C VAL A 5 -4.47 -9.40 4.14
N GLY A 6 -3.57 -8.41 4.03
CA GLY A 6 -3.71 -7.37 3.03
C GLY A 6 -3.06 -7.73 1.71
N ASP A 7 -3.14 -6.80 0.77
CA ASP A 7 -2.42 -6.90 -0.48
C ASP A 7 -1.00 -6.36 -0.32
N LYS A 8 -0.14 -6.72 -1.27
CA LYS A 8 1.22 -6.22 -1.28
C LYS A 8 1.21 -4.71 -1.48
N GLU A 9 1.94 -3.99 -0.64
CA GLU A 9 2.14 -2.57 -0.83
C GLU A 9 3.63 -2.28 -0.95
N PRO A 10 4.00 -1.21 -1.66
CA PRO A 10 5.40 -0.77 -1.60
C PRO A 10 5.71 -0.24 -0.21
N LEU A 11 7.01 -0.25 0.13
CA LEU A 11 7.43 0.25 1.43
C LEU A 11 7.14 1.74 1.59
N SER A 12 6.92 2.45 0.49
CA SER A 12 6.62 3.86 0.56
C SER A 12 5.30 4.14 1.27
N THR A 13 4.35 3.19 1.27
CA THR A 13 3.10 3.47 1.98
C THR A 13 3.31 3.40 3.49
N LEU A 14 4.11 2.44 3.96
CA LEU A 14 4.54 2.46 5.35
C LEU A 14 5.28 3.75 5.67
N ALA A 15 6.14 4.21 4.75
CA ALA A 15 6.86 5.46 4.95
C ALA A 15 5.91 6.64 5.07
N ALA A 16 4.92 6.72 4.17
CA ALA A 16 3.93 7.79 4.27
C ALA A 16 3.15 7.70 5.57
N GLU A 17 2.86 6.47 6.04
CA GLU A 17 2.10 6.33 7.27
C GLU A 17 2.83 6.93 8.47
N PHE A 18 4.17 6.95 8.46
CA PHE A 18 4.93 7.50 9.57
C PHE A 18 5.63 8.81 9.22
N GLN A 19 5.10 9.56 8.25
CA GLN A 19 5.74 10.80 7.82
C GLN A 19 5.76 11.85 8.92
N SER A 20 4.84 11.78 9.90
CA SER A 20 4.86 12.65 11.06
C SER A 20 5.25 11.90 12.33
N GLY A 21 5.81 10.70 12.20
CA GLY A 21 6.24 9.94 13.35
C GLY A 21 7.67 10.23 13.75
N SER A 22 8.15 9.44 14.70
CA SER A 22 9.51 9.60 15.23
C SER A 22 10.54 9.58 14.11
N PRO A 23 11.48 10.54 14.10
CA PRO A 23 12.53 10.52 13.06
C PRO A 23 13.37 9.26 13.07
N ILE A 24 13.53 8.60 14.23
CA ILE A 24 14.24 7.33 14.27
C ILE A 24 13.48 6.26 13.50
N LEU A 25 12.16 6.20 13.69
CA LEU A 25 11.34 5.23 12.96
C LEU A 25 11.35 5.54 11.46
N GLN A 26 11.33 6.81 11.11
CA GLN A 26 11.32 7.18 9.69
C GLN A 26 12.61 6.76 9.00
N GLU A 27 13.75 6.87 9.70
CA GLU A 27 15.02 6.46 9.11
C GLU A 27 15.12 4.94 9.02
N LYS A 28 14.62 4.22 10.02
CA LYS A 28 14.61 2.76 9.93
C LYS A 28 13.72 2.29 8.80
N ILE A 29 12.58 2.96 8.60
CA ILE A 29 11.72 2.61 7.47
C ILE A 29 12.46 2.86 6.16
N LYS A 30 13.20 3.97 6.06
CA LYS A 30 13.98 4.24 4.86
C LYS A 30 15.00 3.13 4.61
N LEU A 31 15.73 2.74 5.66
CA LEU A 31 16.66 1.62 5.55
C LEU A 31 15.93 0.35 5.10
N LEU A 32 14.73 0.11 5.65
CA LEU A 32 13.94 -1.04 5.25
C LEU A 32 13.62 -1.03 3.76
N GLY A 33 13.33 0.16 3.20
CA GLY A 33 12.95 0.25 1.81
C GLY A 33 14.09 0.01 0.83
N GLU A 34 15.34 0.09 1.31
CA GLU A 34 16.49 -0.19 0.46
C GLU A 34 16.74 -1.68 0.30
N GLN A 35 16.23 -2.52 1.21
CA GLN A 35 16.41 -3.97 1.10
C GLN A 35 15.13 -4.73 0.78
N TYR A 36 13.96 -4.12 0.95
CA TYR A 36 12.70 -4.81 0.78
C TYR A 36 11.83 -4.05 -0.20
N ASP A 37 11.22 -4.80 -1.13
CA ASP A 37 10.40 -4.21 -2.18
C ASP A 37 8.96 -3.99 -1.76
N ALA A 38 8.41 -4.85 -0.90
CA ALA A 38 7.00 -4.81 -0.60
C ALA A 38 6.75 -5.21 0.85
N LEU A 39 5.57 -4.82 1.32
CA LEU A 39 5.08 -5.14 2.65
C LEU A 39 3.64 -5.64 2.52
N ARG A 40 3.29 -6.64 3.33
CA ARG A 40 1.93 -7.16 3.38
C ARG A 40 1.45 -7.11 4.83
N ARG A 41 0.43 -6.30 5.09
CA ARG A 41 -0.06 -6.11 6.45
C ARG A 41 -1.05 -7.20 6.83
N THR A 42 -1.13 -7.46 8.13
CA THR A 42 -2.17 -8.26 8.72
C THR A 42 -2.99 -7.39 9.66
N ARG A 43 -4.28 -7.72 9.79
CA ARG A 43 -5.16 -7.00 10.69
C ARG A 43 -4.65 -7.08 12.13
N GLY A 44 -4.65 -5.94 12.83
CA GLY A 44 -4.13 -5.89 14.19
C GLY A 44 -5.10 -6.34 15.26
N ASP A 45 -5.31 -7.66 15.36
CA ASP A 45 -6.30 -8.20 16.29
C ASP A 45 -5.68 -9.09 17.37
N GLY A 46 -4.36 -9.03 17.54
CA GLY A 46 -3.70 -9.87 18.50
C GLY A 46 -3.26 -11.23 17.99
N ASN A 47 -3.43 -11.52 16.70
CA ASN A 47 -3.00 -12.77 16.09
C ASN A 47 -1.98 -12.54 14.96
N CYS A 48 -1.31 -11.39 14.95
CA CYS A 48 -0.57 -10.97 13.76
C CYS A 48 0.60 -11.89 13.46
N PHE A 49 1.37 -12.28 14.47
CA PHE A 49 2.52 -13.15 14.18
C PHE A 49 2.05 -14.46 13.58
N TYR A 50 1.05 -15.10 14.18
CA TYR A 50 0.53 -16.35 13.63
C TYR A 50 -0.10 -16.13 12.26
N ARG A 51 -0.81 -15.02 12.07
CA ARG A 51 -1.48 -14.84 10.79
C ARG A 51 -0.49 -14.48 9.69
N SER A 52 0.52 -13.66 10.00
CA SER A 52 1.52 -13.35 9.00
C SER A 52 2.37 -14.57 8.67
N PHE A 53 2.66 -15.41 9.68
CA PHE A 53 3.41 -16.63 9.42
C PHE A 53 2.61 -17.59 8.56
N MET A 54 1.32 -17.76 8.86
CA MET A 54 0.48 -18.65 8.06
C MET A 54 0.53 -18.27 6.59
N PHE A 55 0.32 -16.99 6.27
CA PHE A 55 0.26 -16.61 4.87
C PHE A 55 1.64 -16.74 4.21
N SER A 56 2.67 -16.12 4.80
CA SER A 56 3.99 -16.13 4.16
C SER A 56 4.50 -17.56 3.97
N TYR A 57 4.19 -18.46 4.90
CA TYR A 57 4.66 -19.83 4.72
C TYR A 57 3.90 -20.54 3.60
N LEU A 58 2.57 -20.43 3.60
CA LEU A 58 1.78 -21.08 2.54
C LEU A 58 2.08 -20.47 1.19
N GLU A 59 2.26 -19.14 1.15
CA GLU A 59 2.63 -18.50 -0.11
C GLU A 59 4.01 -18.96 -0.57
N HIS A 60 4.93 -19.17 0.37
CA HIS A 60 6.27 -19.65 0.01
C HIS A 60 6.21 -21.03 -0.62
N ILE A 61 5.39 -21.93 -0.06
CA ILE A 61 5.22 -23.25 -0.66
C ILE A 61 4.54 -23.15 -2.01
N LEU A 62 3.50 -22.33 -2.11
CA LEU A 62 2.81 -22.11 -3.37
C LEU A 62 3.80 -21.72 -4.47
N GLU A 63 4.69 -20.78 -4.17
CA GLU A 63 5.55 -20.22 -5.20
C GLU A 63 6.74 -21.12 -5.51
N THR A 64 7.26 -21.84 -4.51
CA THR A 64 8.42 -22.71 -4.72
C THR A 64 8.04 -24.13 -5.12
N GLN A 65 6.83 -24.58 -4.80
CA GLN A 65 6.42 -25.97 -5.00
C GLN A 65 7.43 -26.93 -4.37
N ASP A 66 7.92 -26.55 -3.18
CA ASP A 66 8.91 -27.32 -2.45
C ASP A 66 8.19 -28.45 -1.71
N LYS A 67 7.97 -29.55 -2.43
CA LYS A 67 7.28 -30.69 -1.85
C LYS A 67 8.08 -31.31 -0.72
N ALA A 68 9.41 -31.34 -0.83
CA ALA A 68 10.24 -31.91 0.23
C ALA A 68 10.09 -31.13 1.54
N GLU A 69 9.94 -29.80 1.44
CA GLU A 69 9.69 -28.99 2.63
C GLU A 69 8.35 -29.35 3.26
N VAL A 70 7.32 -29.59 2.44
CA VAL A 70 6.01 -29.97 2.98
C VAL A 70 6.10 -31.29 3.73
N GLU A 71 6.78 -32.28 3.13
CA GLU A 71 6.99 -33.57 3.78
C GLU A 71 7.74 -33.40 5.09
N ARG A 72 8.73 -32.51 5.12
CA ARG A 72 9.47 -32.25 6.35
C ARG A 72 8.56 -31.70 7.44
N ILE A 73 7.77 -30.67 7.11
CA ILE A 73 6.95 -30.05 8.15
C ILE A 73 5.83 -31.00 8.57
N LEU A 74 5.30 -31.81 7.64
CA LEU A 74 4.27 -32.77 7.99
C LEU A 74 4.78 -33.77 9.03
N LYS A 75 6.04 -34.19 8.89
CA LYS A 75 6.64 -35.05 9.91
C LYS A 75 6.73 -34.32 11.24
N LYS A 76 7.16 -33.05 11.22
CA LYS A 76 7.20 -32.26 12.45
C LYS A 76 5.79 -32.08 13.02
N ILE A 77 4.80 -31.83 12.16
CA ILE A 77 3.44 -31.64 12.64
C ILE A 77 2.94 -32.88 13.35
N GLU A 78 3.28 -34.06 12.81
CA GLU A 78 2.88 -35.31 13.44
C GLU A 78 3.53 -35.46 14.82
N GLN A 79 4.79 -35.04 14.97
CA GLN A 79 5.35 -35.12 16.31
C GLN A 79 4.83 -34.03 17.23
N CYS A 80 4.35 -32.90 16.70
CA CYS A 80 3.63 -31.94 17.55
C CYS A 80 2.35 -32.54 18.10
N LYS A 81 1.72 -33.44 17.34
CA LYS A 81 0.55 -34.15 17.84
C LYS A 81 0.90 -35.02 19.03
N LYS A 82 2.08 -35.62 19.01
CA LYS A 82 2.50 -36.48 20.11
C LYS A 82 2.86 -35.68 21.36
N THR A 83 3.51 -34.52 21.20
CA THR A 83 3.78 -33.70 22.37
C THR A 83 2.49 -33.24 23.04
N LEU A 84 1.50 -32.84 22.24
CA LEU A 84 0.21 -32.43 22.81
C LEU A 84 -0.47 -33.60 23.52
N ALA A 85 -0.42 -34.80 22.93
CA ALA A 85 -1.02 -35.97 23.57
C ALA A 85 -0.28 -36.34 24.86
N ASP A 86 1.05 -36.26 24.86
CA ASP A 86 1.82 -36.56 26.06
C ASP A 86 1.53 -35.60 27.20
N LEU A 87 1.06 -34.39 26.89
CA LEU A 87 0.72 -33.43 27.93
C LEU A 87 -0.72 -33.58 28.40
N GLY A 88 -1.51 -34.45 27.78
CA GLY A 88 -2.87 -34.67 28.21
C GLY A 88 -3.94 -33.95 27.41
N TYR A 89 -3.59 -33.35 26.28
CA TYR A 89 -4.59 -32.75 25.39
C TYR A 89 -5.27 -33.85 24.60
N ILE A 90 -6.57 -34.01 24.77
CA ILE A 90 -7.24 -35.06 24.03
C ILE A 90 -7.50 -34.55 22.62
N GLU A 91 -7.58 -35.47 21.67
CA GLU A 91 -7.51 -35.12 20.25
C GLU A 91 -8.64 -34.18 19.82
N PHE A 92 -9.81 -34.25 20.44
CA PHE A 92 -10.90 -33.38 19.99
C PHE A 92 -10.64 -31.91 20.28
N THR A 93 -9.67 -31.59 21.15
CA THR A 93 -9.36 -30.20 21.41
C THR A 93 -8.61 -29.54 20.26
N PHE A 94 -7.88 -30.33 19.45
CA PHE A 94 -7.03 -29.75 18.43
C PHE A 94 -7.17 -30.37 17.04
N GLU A 95 -7.90 -31.48 16.88
CA GLU A 95 -7.84 -32.22 15.62
C GLU A 95 -8.30 -31.39 14.43
N ASP A 96 -9.30 -30.51 14.63
CA ASP A 96 -9.77 -29.67 13.53
C ASP A 96 -8.75 -28.62 13.14
N PHE A 97 -7.93 -28.18 14.09
CA PHE A 97 -6.87 -27.22 13.76
C PHE A 97 -5.80 -27.87 12.90
N PHE A 98 -5.40 -29.09 13.24
CA PHE A 98 -4.40 -29.80 12.46
C PHE A 98 -4.91 -30.07 11.05
N SER A 99 -6.14 -30.59 10.94
CA SER A 99 -6.62 -31.03 9.63
C SER A 99 -6.84 -29.87 8.70
N ILE A 100 -7.22 -28.70 9.22
CA ILE A 100 -7.46 -27.56 8.36
C ILE A 100 -6.14 -27.00 7.81
N PHE A 101 -5.13 -26.87 8.68
CA PHE A 101 -3.83 -26.41 8.19
C PHE A 101 -3.24 -27.40 7.20
N ILE A 102 -3.27 -28.69 7.51
CA ILE A 102 -2.72 -29.71 6.60
C ILE A 102 -3.42 -29.63 5.24
N ASP A 103 -4.73 -29.34 5.24
CA ASP A 103 -5.45 -29.17 3.99
C ASP A 103 -4.89 -28.01 3.17
N GLN A 104 -4.53 -26.91 3.84
CA GLN A 104 -3.92 -25.80 3.13
C GLN A 104 -2.54 -26.18 2.58
N LEU A 105 -1.76 -26.94 3.36
CA LEU A 105 -0.46 -27.39 2.87
C LEU A 105 -0.60 -28.19 1.59
N GLU A 106 -1.57 -29.10 1.55
CA GLU A 106 -1.83 -29.89 0.35
C GLU A 106 -2.35 -29.02 -0.77
N SER A 107 -3.32 -28.14 -0.47
CA SER A 107 -3.97 -27.35 -1.51
C SER A 107 -2.99 -26.48 -2.26
N VAL A 108 -1.94 -26.02 -1.58
CA VAL A 108 -1.00 -25.09 -2.21
C VAL A 108 0.02 -25.80 -3.08
N LEU A 109 0.15 -27.12 -2.96
CA LEU A 109 0.96 -27.89 -3.90
C LEU A 109 0.12 -28.21 -5.14
N GLN A 110 0.73 -28.05 -6.32
CA GLN A 110 0.02 -28.17 -7.57
C GLN A 110 -0.04 -29.63 -8.03
N GLY A 111 -0.90 -29.89 -9.00
CA GLY A 111 -0.94 -31.16 -9.68
C GLY A 111 -1.97 -32.16 -9.19
N HIS A 112 -3.01 -31.73 -8.49
CA HIS A 112 -4.06 -32.65 -8.04
C HIS A 112 -5.38 -31.90 -8.00
N GLU A 113 -6.44 -32.64 -7.70
CA GLU A 113 -7.80 -32.11 -7.86
C GLU A 113 -8.02 -30.87 -6.99
N SER A 114 -7.51 -30.87 -5.77
CA SER A 114 -7.82 -29.81 -4.81
C SER A 114 -6.76 -28.72 -4.75
N SER A 115 -5.85 -28.69 -5.72
CA SER A 115 -4.86 -27.60 -5.80
C SER A 115 -5.54 -26.25 -5.94
N ILE A 116 -4.91 -25.22 -5.40
CA ILE A 116 -5.42 -23.86 -5.47
C ILE A 116 -4.30 -22.93 -5.93
N GLY A 117 -4.70 -21.71 -6.32
CA GLY A 117 -3.77 -20.69 -6.73
C GLY A 117 -3.66 -19.56 -5.73
N ALA A 118 -2.91 -18.53 -6.12
CA ALA A 118 -2.60 -17.42 -5.22
C ALA A 118 -3.85 -16.68 -4.76
N GLU A 119 -4.80 -16.48 -5.67
CA GLU A 119 -6.01 -15.74 -5.32
C GLU A 119 -6.86 -16.50 -4.30
N GLU A 120 -7.07 -17.81 -4.53
CA GLU A 120 -7.85 -18.59 -3.58
C GLU A 120 -7.13 -18.73 -2.24
N LEU A 121 -5.80 -18.83 -2.24
CA LEU A 121 -5.05 -18.87 -0.99
C LEU A 121 -5.31 -17.63 -0.16
N LEU A 122 -5.16 -16.45 -0.79
CA LEU A 122 -5.46 -15.20 -0.09
C LEU A 122 -6.91 -15.19 0.40
N GLU A 123 -7.84 -15.60 -0.46
CA GLU A 123 -9.24 -15.71 -0.07
C GLU A 123 -9.40 -16.56 1.19
N ARG A 124 -8.67 -17.67 1.28
CA ARG A 124 -8.82 -18.53 2.45
C ARG A 124 -8.19 -17.90 3.69
N THR A 125 -7.05 -17.22 3.55
CA THR A 125 -6.47 -16.57 4.71
C THR A 125 -7.32 -15.41 5.18
N ARG A 126 -8.20 -14.88 4.34
CA ARG A 126 -9.13 -13.84 4.73
C ARG A 126 -10.45 -14.38 5.28
N ASP A 127 -10.67 -15.70 5.22
CA ASP A 127 -11.90 -16.30 5.73
C ASP A 127 -11.71 -16.72 7.19
N GLN A 128 -12.56 -16.20 8.07
CA GLN A 128 -12.38 -16.44 9.50
C GLN A 128 -12.45 -17.92 9.84
N MET A 129 -13.36 -18.66 9.21
CA MET A 129 -13.58 -20.08 9.49
C MET A 129 -12.46 -20.97 8.98
N VAL A 130 -11.46 -20.42 8.30
CA VAL A 130 -10.22 -21.11 7.95
C VAL A 130 -9.02 -20.45 8.61
N SER A 131 -8.93 -19.12 8.49
CA SER A 131 -7.80 -18.37 9.01
C SER A 131 -7.64 -18.58 10.51
N ASP A 132 -8.74 -18.44 11.26
CA ASP A 132 -8.66 -18.58 12.71
C ASP A 132 -8.34 -20.01 13.13
N TYR A 133 -8.75 -21.00 12.34
CA TYR A 133 -8.40 -22.38 12.69
C TYR A 133 -6.92 -22.63 12.46
N VAL A 134 -6.34 -22.03 11.42
CA VAL A 134 -4.90 -22.17 11.20
C VAL A 134 -4.12 -21.45 12.30
N VAL A 135 -4.59 -20.27 12.71
CA VAL A 135 -3.96 -19.55 13.82
C VAL A 135 -4.02 -20.37 15.10
N MET A 136 -5.16 -21.01 15.37
CA MET A 136 -5.30 -21.82 16.58
C MET A 136 -4.39 -23.04 16.54
N PHE A 137 -4.16 -23.58 15.34
CA PHE A 137 -3.18 -24.66 15.19
C PHE A 137 -1.80 -24.21 15.65
N PHE A 138 -1.33 -23.05 15.16
CA PHE A 138 -0.03 -22.54 15.58
C PHE A 138 0.00 -22.27 17.07
N ARG A 139 -1.09 -21.73 17.62
CA ARG A 139 -1.15 -21.48 19.06
C ARG A 139 -1.03 -22.78 19.87
N PHE A 140 -1.75 -23.83 19.45
CA PHE A 140 -1.68 -25.09 20.17
C PHE A 140 -0.31 -25.74 20.01
N VAL A 141 0.25 -25.66 18.81
CA VAL A 141 1.59 -26.21 18.57
C VAL A 141 2.63 -25.43 19.38
N THR A 142 2.48 -24.11 19.46
CA THR A 142 3.41 -23.31 20.26
C THR A 142 3.28 -23.62 21.74
N SER A 143 2.04 -23.72 22.23
CA SER A 143 1.80 -24.03 23.63
C SER A 143 2.37 -25.39 24.01
N GLY A 144 2.21 -26.39 23.14
CA GLY A 144 2.74 -27.71 23.44
C GLY A 144 4.24 -27.72 23.55
N GLU A 145 4.92 -27.02 22.64
CA GLU A 145 6.39 -27.00 22.65
C GLU A 145 6.93 -26.31 23.89
N ILE A 146 6.29 -25.21 24.33
CA ILE A 146 6.74 -24.53 25.54
C ILE A 146 6.59 -25.44 26.75
N GLN A 147 5.41 -26.06 26.90
CA GLN A 147 5.15 -26.92 28.04
C GLN A 147 6.06 -28.15 28.02
N ARG A 148 6.31 -28.71 26.83
CA ARG A 148 7.19 -29.87 26.74
C ARG A 148 8.59 -29.55 27.25
N ARG A 149 9.06 -28.33 27.05
CA ARG A 149 10.35 -27.87 27.54
C ARG A 149 10.18 -26.83 28.65
N ALA A 150 9.24 -27.09 29.57
CA ALA A 150 8.88 -26.10 30.58
C ALA A 150 10.08 -25.68 31.41
N GLU A 151 10.95 -26.62 31.76
CA GLU A 151 12.08 -26.29 32.63
C GLU A 151 13.04 -25.33 31.94
N PHE A 152 13.22 -25.49 30.63
CA PHE A 152 14.07 -24.58 29.88
C PHE A 152 13.45 -23.19 29.76
N PHE A 153 12.15 -23.12 29.46
CA PHE A 153 11.49 -21.83 29.30
C PHE A 153 11.21 -21.14 30.63
N GLU A 154 11.17 -21.88 31.74
CA GLU A 154 10.71 -21.34 33.01
C GLU A 154 11.42 -20.07 33.43
N PRO A 155 12.76 -20.00 33.50
CA PRO A 155 13.37 -18.74 33.97
C PRO A 155 13.05 -17.55 33.08
N PHE A 156 12.95 -17.76 31.77
CA PHE A 156 12.66 -16.66 30.86
C PHE A 156 11.23 -16.16 31.03
N ILE A 157 10.28 -17.08 31.15
CA ILE A 157 8.88 -16.68 31.28
C ILE A 157 8.65 -15.97 32.61
N SER A 158 9.24 -16.48 33.70
CA SER A 158 9.03 -15.83 34.99
C SER A 158 9.85 -14.56 35.17
N GLY A 159 10.82 -14.31 34.29
CA GLY A 159 11.46 -13.01 34.23
C GLY A 159 10.63 -12.00 33.46
N LEU A 160 9.99 -12.44 32.37
CA LEU A 160 9.12 -11.57 31.60
C LEU A 160 7.82 -11.28 32.34
N THR A 161 7.05 -12.32 32.60
CA THR A 161 5.86 -12.26 33.43
C THR A 161 6.27 -12.70 34.84
N ASN A 162 5.30 -12.89 35.73
CA ASN A 162 5.62 -13.43 37.05
C ASN A 162 4.80 -14.68 37.32
N SER A 163 4.64 -15.50 36.28
CA SER A 163 3.76 -16.65 36.31
C SER A 163 4.52 -17.91 35.93
N THR A 164 3.86 -19.04 36.12
CA THR A 164 4.41 -20.32 35.72
C THR A 164 4.29 -20.50 34.21
N VAL A 165 4.91 -21.57 33.72
CA VAL A 165 4.94 -21.83 32.29
C VAL A 165 3.54 -22.16 31.78
N VAL A 166 2.82 -23.04 32.48
CA VAL A 166 1.49 -23.41 31.99
C VAL A 166 0.53 -22.22 32.10
N GLN A 167 0.70 -21.40 33.14
CA GLN A 167 -0.04 -20.14 33.26
C GLN A 167 0.19 -19.27 32.04
N PHE A 168 1.46 -19.08 31.67
CA PHE A 168 1.80 -18.29 30.49
C PHE A 168 1.14 -18.85 29.23
N CYS A 169 1.15 -20.17 29.08
CA CYS A 169 0.59 -20.79 27.89
C CYS A 169 -0.93 -20.62 27.83
N LYS A 170 -1.61 -20.83 28.95
CA LYS A 170 -3.06 -20.74 28.95
C LYS A 170 -3.55 -19.29 28.87
N ALA A 171 -2.76 -18.34 29.36
CA ALA A 171 -3.17 -16.94 29.35
C ALA A 171 -2.78 -16.20 28.08
N SER A 172 -1.60 -16.49 27.53
CA SER A 172 -1.05 -15.62 26.51
C SER A 172 -0.61 -16.33 25.24
N VAL A 173 -0.65 -17.66 25.17
CA VAL A 173 -0.33 -18.41 23.96
C VAL A 173 -1.59 -19.00 23.32
N GLU A 174 -2.35 -19.79 24.06
CA GLU A 174 -3.53 -20.47 23.54
C GLU A 174 -4.71 -19.57 23.19
N PRO A 175 -5.02 -18.51 23.94
CA PRO A 175 -6.22 -17.72 23.60
C PRO A 175 -6.01 -16.88 22.36
N MET A 176 -7.07 -16.83 21.53
CA MET A 176 -7.11 -15.92 20.40
C MET A 176 -6.94 -14.48 20.88
N GLY A 177 -6.25 -13.66 20.08
CA GLY A 177 -6.10 -12.25 20.39
C GLY A 177 -4.97 -11.90 21.32
N GLU A 178 -4.18 -12.87 21.77
CA GLU A 178 -3.00 -12.61 22.60
C GLU A 178 -1.79 -12.55 21.67
N GLU A 179 -1.19 -11.37 21.54
CA GLU A 179 -0.14 -11.18 20.55
C GLU A 179 1.16 -11.86 20.98
N SER A 180 1.92 -12.32 20.00
CA SER A 180 3.10 -13.13 20.25
C SER A 180 4.30 -12.26 20.59
N ASP A 181 5.17 -12.82 21.45
CA ASP A 181 6.48 -12.25 21.74
C ASP A 181 7.53 -13.27 21.34
N HIS A 182 8.78 -13.02 21.74
CA HIS A 182 9.88 -13.88 21.27
C HIS A 182 9.74 -15.31 21.76
N VAL A 183 9.09 -15.52 22.93
CA VAL A 183 8.87 -16.87 23.42
C VAL A 183 7.97 -17.65 22.46
N HIS A 184 6.90 -17.02 21.94
CA HIS A 184 6.07 -17.69 20.94
C HIS A 184 6.89 -18.08 19.72
N ILE A 185 7.73 -17.15 19.25
CA ILE A 185 8.42 -17.33 17.98
C ILE A 185 9.50 -18.39 18.10
N ILE A 186 10.18 -18.42 19.24
CA ILE A 186 11.14 -19.49 19.49
C ILE A 186 10.44 -20.85 19.47
N ALA A 187 9.31 -20.95 20.19
CA ALA A 187 8.64 -22.24 20.29
C ALA A 187 8.05 -22.70 18.97
N LEU A 188 7.43 -21.80 18.22
CA LEU A 188 6.84 -22.18 16.93
C LEU A 188 7.92 -22.59 15.94
N SER A 189 8.97 -21.78 15.79
CA SER A 189 10.03 -22.12 14.83
C SER A 189 10.77 -23.38 15.26
N ASP A 190 10.86 -23.64 16.56
CA ASP A 190 11.41 -24.90 17.03
C ASP A 190 10.47 -26.06 16.74
N ALA A 191 9.18 -25.88 17.03
CA ALA A 191 8.22 -26.96 16.88
C ALA A 191 8.04 -27.36 15.42
N LEU A 192 8.02 -26.39 14.51
CA LEU A 192 7.81 -26.66 13.10
C LEU A 192 9.10 -26.77 12.30
N GLY A 193 10.21 -26.27 12.84
CA GLY A 193 11.48 -26.34 12.14
C GLY A 193 11.60 -25.44 10.93
N VAL A 194 11.01 -24.25 10.95
CA VAL A 194 11.11 -23.31 9.85
C VAL A 194 11.71 -22.01 10.37
N PRO A 195 12.77 -21.50 9.77
CA PRO A 195 13.39 -20.27 10.25
C PRO A 195 12.54 -19.04 9.98
N ILE A 196 12.65 -18.06 10.87
CA ILE A 196 11.86 -16.84 10.76
C ILE A 196 12.81 -15.67 11.03
N ARG A 197 12.87 -14.73 10.11
CA ARG A 197 13.58 -13.48 10.35
C ARG A 197 12.56 -12.43 10.75
N VAL A 198 12.83 -11.75 11.86
CA VAL A 198 12.01 -10.64 12.34
C VAL A 198 12.85 -9.38 12.30
N MET A 199 12.35 -8.36 11.61
CA MET A 199 12.96 -7.04 11.64
C MET A 199 12.19 -6.19 12.64
N TYR A 200 12.92 -5.46 13.48
CA TYR A 200 12.31 -4.70 14.58
C TYR A 200 12.29 -3.23 14.24
N LEU A 201 11.09 -2.73 13.92
CA LEU A 201 10.88 -1.31 13.65
C LEU A 201 10.51 -0.66 14.97
N ASP A 202 11.52 -0.26 15.73
CA ASP A 202 11.28 0.37 17.02
C ASP A 202 12.33 1.45 17.25
N ARG A 203 12.28 2.06 18.43
CA ARG A 203 13.37 2.90 18.92
C ARG A 203 14.28 2.02 19.76
N SER A 204 15.56 1.97 19.39
CA SER A 204 16.53 1.05 19.98
C SER A 204 16.54 1.06 21.51
N ASN A 210 24.41 5.45 16.07
CA ASN A 210 24.13 4.97 14.72
C ASN A 210 22.76 4.32 14.66
N ILE A 211 22.07 4.51 13.54
CA ILE A 211 20.69 4.03 13.37
C ILE A 211 20.69 2.88 12.38
N SER A 212 20.24 1.71 12.85
CA SER A 212 20.10 0.53 12.02
C SER A 212 18.83 -0.22 12.45
N VAL A 213 18.33 -1.06 11.55
CA VAL A 213 17.18 -1.89 11.86
C VAL A 213 17.68 -3.20 12.42
N ASN A 214 17.49 -3.42 13.73
CA ASN A 214 17.88 -4.67 14.35
C ASN A 214 17.05 -5.82 13.80
N HIS A 215 17.64 -7.01 13.78
CA HIS A 215 16.91 -8.18 13.35
C HIS A 215 17.35 -9.38 14.19
N HIS A 216 16.54 -10.44 14.13
CA HIS A 216 16.95 -11.71 14.70
C HIS A 216 16.40 -12.84 13.85
N ASP A 217 17.23 -13.85 13.64
CA ASP A 217 16.83 -15.06 12.93
C ASP A 217 16.48 -16.13 13.96
N PHE A 218 15.22 -16.53 13.96
CA PHE A 218 14.75 -17.64 14.78
C PHE A 218 14.77 -18.91 13.93
N SER A 219 15.48 -19.93 14.41
CA SER A 219 15.55 -21.21 13.72
C SER A 219 16.01 -22.25 14.72
N PRO A 220 15.68 -23.53 14.48
CA PRO A 220 16.19 -24.59 15.37
C PRO A 220 17.69 -24.48 15.65
N GLU A 221 18.47 -24.04 14.66
CA GLU A 221 19.90 -23.85 14.86
C GLU A 221 20.17 -22.63 15.73
N ALA A 222 19.52 -21.50 15.44
CA ALA A 222 19.81 -20.27 16.17
C ALA A 222 19.25 -20.30 17.59
N ASN A 223 18.17 -21.04 17.81
CA ASN A 223 17.56 -21.14 19.14
C ASN A 223 18.26 -22.15 20.05
N SER A 224 19.26 -22.87 19.54
CA SER A 224 19.93 -23.90 20.31
C SER A 224 20.86 -23.30 21.37
N SER A 225 20.86 -23.91 22.55
CA SER A 225 21.67 -23.41 23.65
C SER A 225 23.15 -23.82 23.57
N ASP A 226 23.53 -24.69 22.63
CA ASP A 226 24.93 -25.07 22.55
C ASP A 226 25.77 -24.03 21.79
N GLY A 227 25.18 -23.34 20.82
CA GLY A 227 25.89 -22.34 20.03
C GLY A 227 25.46 -22.30 18.58
N ALA A 231 23.98 -20.96 9.01
CA ALA A 231 22.89 -21.68 8.36
C ALA A 231 22.44 -20.97 7.09
N GLU A 232 21.20 -21.24 6.69
CA GLU A 232 20.61 -20.61 5.52
C GLU A 232 19.68 -19.48 5.95
N LYS A 233 19.83 -18.33 5.32
CA LYS A 233 19.01 -17.17 5.63
C LYS A 233 17.53 -17.52 5.54
N PRO A 234 16.70 -17.07 6.49
CA PRO A 234 15.29 -17.46 6.49
C PRO A 234 14.57 -16.96 5.24
N TYR A 235 13.64 -17.77 4.74
CA TYR A 235 12.79 -17.38 3.62
C TYR A 235 11.50 -16.72 4.09
N ILE A 236 11.31 -16.54 5.40
CA ILE A 236 10.19 -15.77 5.95
C ILE A 236 10.76 -14.59 6.72
N THR A 237 10.38 -13.38 6.32
CA THR A 237 10.83 -12.15 6.96
C THR A 237 9.61 -11.38 7.43
N LEU A 238 9.55 -11.11 8.73
CA LEU A 238 8.44 -10.36 9.32
C LEU A 238 8.94 -9.04 9.88
N LEU A 239 8.05 -8.05 9.85
CA LEU A 239 8.31 -6.73 10.40
C LEU A 239 7.52 -6.59 11.70
N TYR A 240 8.23 -6.28 12.79
CA TYR A 240 7.59 -6.14 14.09
C TYR A 240 7.50 -4.67 14.49
N ARG A 241 6.33 -4.29 14.97
CA ARG A 241 6.07 -3.08 15.73
C ARG A 241 5.18 -3.49 16.89
N PRO A 242 5.14 -2.71 17.98
CA PRO A 242 4.17 -3.01 19.04
C PRO A 242 2.78 -3.22 18.49
N GLY A 243 2.22 -4.41 18.70
CA GLY A 243 0.90 -4.74 18.20
C GLY A 243 0.82 -5.15 16.74
N HIS A 244 1.96 -5.35 16.06
CA HIS A 244 1.92 -5.59 14.62
C HIS A 244 2.98 -6.58 14.19
N TYR A 245 2.60 -7.51 13.32
CA TYR A 245 3.53 -8.32 12.56
C TYR A 245 3.07 -8.30 11.11
N ASP A 246 3.92 -7.79 10.23
CA ASP A 246 3.62 -7.72 8.80
C ASP A 246 4.69 -8.49 8.04
N ILE A 247 4.38 -8.83 6.80
CA ILE A 247 5.25 -9.67 5.96
C ILE A 247 6.08 -8.77 5.06
N LEU A 248 7.40 -8.99 5.06
CA LEU A 248 8.32 -8.25 4.20
C LEU A 248 8.77 -9.11 3.03
N TYR A 249 8.92 -8.49 1.87
CA TYR A 249 9.35 -9.18 0.65
C TYR A 249 10.71 -8.63 0.22
N PRO A 250 11.77 -9.44 0.26
CA PRO A 250 13.08 -8.95 -0.17
C PRO A 250 13.05 -8.53 -1.62
N LYS A 251 13.98 -7.66 -1.99
CA LYS A 251 14.07 -7.24 -3.38
C LYS A 251 15.24 -7.91 -4.09
N LEU B 2 -4.91 5.20 5.73
CA LEU B 2 -3.71 6.00 5.51
C LEU B 2 -3.86 7.55 5.56
N PRO B 3 -5.08 8.10 5.66
CA PRO B 3 -5.20 9.53 5.99
C PRO B 3 -4.98 9.79 7.48
N TYR B 4 -4.58 11.04 7.76
CA TYR B 4 -4.39 11.46 9.16
C TYR B 4 -5.66 11.25 9.96
N VAL B 5 -6.81 11.58 9.39
CA VAL B 5 -8.10 11.48 10.06
C VAL B 5 -9.06 10.78 9.13
N GLY B 6 -9.72 9.74 9.63
CA GLY B 6 -10.67 8.99 8.83
C GLY B 6 -12.02 9.65 8.74
N ASP B 7 -12.88 9.05 7.92
CA ASP B 7 -14.30 9.35 7.88
C ASP B 7 -14.99 8.75 9.09
N LYS B 8 -16.23 9.17 9.31
CA LYS B 8 -17.08 8.53 10.30
C LYS B 8 -17.33 7.09 9.90
N GLU B 9 -17.16 6.17 10.85
CA GLU B 9 -17.47 4.77 10.62
C GLU B 9 -18.45 4.28 11.68
N PRO B 10 -19.32 3.34 11.34
CA PRO B 10 -20.16 2.73 12.36
C PRO B 10 -19.30 1.88 13.28
N LEU B 11 -19.74 1.75 14.52
CA LEU B 11 -18.99 0.98 15.50
C LEU B 11 -18.87 -0.50 15.13
N SER B 12 -19.67 -0.99 14.18
CA SER B 12 -19.52 -2.36 13.71
C SER B 12 -18.18 -2.59 13.02
N THR B 13 -17.52 -1.53 12.54
CA THR B 13 -16.21 -1.71 11.91
C THR B 13 -15.15 -2.03 12.96
N LEU B 14 -15.26 -1.43 14.15
CA LEU B 14 -14.42 -1.84 15.27
C LEU B 14 -14.70 -3.28 15.67
N ALA B 15 -15.98 -3.64 15.74
CA ALA B 15 -16.34 -5.01 16.13
C ALA B 15 -15.80 -6.02 15.12
N ALA B 16 -15.91 -5.72 13.82
CA ALA B 16 -15.36 -6.60 12.80
C ALA B 16 -13.85 -6.69 12.89
N GLU B 17 -13.18 -5.57 13.18
CA GLU B 17 -11.73 -5.59 13.32
C GLU B 17 -11.29 -6.56 14.42
N PHE B 18 -12.11 -6.72 15.46
CA PHE B 18 -11.71 -7.50 16.61
C PHE B 18 -12.51 -8.79 16.76
N GLN B 19 -13.17 -9.24 15.69
CA GLN B 19 -13.98 -10.46 15.74
C GLN B 19 -13.13 -11.67 16.12
N SER B 20 -11.84 -11.66 15.81
CA SER B 20 -10.95 -12.74 16.19
C SER B 20 -10.07 -12.37 17.37
N GLY B 21 -10.31 -11.21 17.98
CA GLY B 21 -9.51 -10.74 19.09
C GLY B 21 -9.98 -11.32 20.41
N SER B 22 -9.42 -10.75 21.48
CA SER B 22 -9.73 -11.22 22.83
C SER B 22 -11.23 -11.09 23.10
N PRO B 23 -11.87 -12.11 23.69
CA PRO B 23 -13.31 -12.01 23.94
C PRO B 23 -13.67 -10.90 24.92
N ILE B 24 -12.75 -10.52 25.81
CA ILE B 24 -13.02 -9.41 26.72
C ILE B 24 -13.08 -8.11 25.95
N LEU B 25 -12.18 -7.92 24.97
CA LEU B 25 -12.24 -6.73 24.14
C LEU B 25 -13.52 -6.69 23.31
N GLN B 26 -13.92 -7.84 22.75
CA GLN B 26 -15.15 -7.90 21.97
C GLN B 26 -16.36 -7.52 22.81
N GLU B 27 -16.42 -8.02 24.05
CA GLU B 27 -17.53 -7.66 24.92
C GLU B 27 -17.53 -6.17 25.23
N LYS B 28 -16.35 -5.60 25.48
CA LYS B 28 -16.27 -4.17 25.73
C LYS B 28 -16.68 -3.36 24.50
N ILE B 29 -16.30 -3.83 23.31
CA ILE B 29 -16.72 -3.15 22.09
C ILE B 29 -18.24 -3.20 21.95
N LYS B 30 -18.85 -4.33 22.35
CA LYS B 30 -20.30 -4.44 22.32
C LYS B 30 -20.96 -3.45 23.28
N LEU B 31 -20.34 -3.26 24.45
CA LEU B 31 -20.83 -2.26 25.39
C LEU B 31 -20.74 -0.85 24.80
N LEU B 32 -19.63 -0.56 24.10
CA LEU B 32 -19.50 0.75 23.46
C LEU B 32 -20.57 0.96 22.41
N GLY B 33 -20.95 -0.11 21.70
CA GLY B 33 -21.97 0.01 20.67
C GLY B 33 -23.33 0.43 21.17
N GLU B 34 -23.59 0.29 22.47
CA GLU B 34 -24.88 0.66 23.02
C GLU B 34 -24.95 2.13 23.40
N GLN B 35 -23.82 2.81 23.53
CA GLN B 35 -23.79 4.22 23.89
C GLN B 35 -23.18 5.12 22.83
N TYR B 36 -22.63 4.55 21.74
CA TYR B 36 -21.95 5.35 20.73
C TYR B 36 -22.34 4.85 19.34
N ASP B 37 -22.62 5.79 18.44
CA ASP B 37 -23.05 5.49 17.08
C ASP B 37 -21.89 5.31 16.11
N ALA B 38 -20.83 6.11 16.27
CA ALA B 38 -19.82 6.20 15.24
C ALA B 38 -18.44 6.30 15.85
N LEU B 39 -17.45 6.08 15.00
CA LEU B 39 -16.04 6.06 15.36
C LEU B 39 -15.29 6.82 14.28
N ARG B 40 -14.35 7.67 14.67
CA ARG B 40 -13.48 8.35 13.70
C ARG B 40 -12.03 8.09 14.07
N ARG B 41 -11.31 7.36 13.21
CA ARG B 41 -9.95 6.95 13.51
C ARG B 41 -8.95 8.04 13.14
N THR B 42 -7.82 8.03 13.83
CA THR B 42 -6.66 8.80 13.43
C THR B 42 -5.53 7.84 13.11
N ARG B 43 -4.69 8.23 12.15
CA ARG B 43 -3.53 7.45 11.75
C ARG B 43 -2.64 7.16 12.97
N GLY B 44 -2.20 5.91 13.11
CA GLY B 44 -1.42 5.54 14.27
C GLY B 44 0.05 5.91 14.16
N ASP B 45 0.37 7.20 14.28
CA ASP B 45 1.72 7.69 14.01
C ASP B 45 2.37 8.31 15.25
N GLY B 46 1.84 8.06 16.44
CA GLY B 46 2.36 8.68 17.64
C GLY B 46 1.81 10.06 17.95
N ASN B 47 0.85 10.56 17.17
CA ASN B 47 0.25 11.88 17.41
C ASN B 47 -1.26 11.79 17.61
N CYS B 48 -1.75 10.62 18.04
CA CYS B 48 -3.16 10.31 17.90
C CYS B 48 -4.02 11.13 18.84
N PHE B 49 -3.58 11.32 20.08
CA PHE B 49 -4.40 12.08 21.03
C PHE B 49 -4.57 13.53 20.56
N TYR B 50 -3.47 14.18 20.21
CA TYR B 50 -3.54 15.56 19.71
C TYR B 50 -4.30 15.63 18.39
N ARG B 51 -4.08 14.66 17.50
CA ARG B 51 -4.79 14.65 16.23
C ARG B 51 -6.29 14.49 16.43
N SER B 52 -6.69 13.55 17.29
CA SER B 52 -8.12 13.32 17.51
C SER B 52 -8.74 14.46 18.32
N PHE B 53 -7.98 15.06 19.23
CA PHE B 53 -8.48 16.23 19.94
C PHE B 53 -8.65 17.41 18.99
N MET B 54 -7.67 17.60 18.10
CA MET B 54 -7.73 18.68 17.12
C MET B 54 -9.03 18.61 16.30
N PHE B 55 -9.29 17.46 15.69
CA PHE B 55 -10.49 17.36 14.86
C PHE B 55 -11.76 17.41 15.70
N SER B 56 -11.79 16.71 16.84
CA SER B 56 -13.01 16.66 17.64
C SER B 56 -13.38 18.03 18.16
N TYR B 57 -12.40 18.83 18.58
CA TYR B 57 -12.72 20.16 19.08
C TYR B 57 -13.16 21.08 17.95
N LEU B 58 -12.40 21.13 16.86
CA LEU B 58 -12.78 21.98 15.74
C LEU B 58 -14.12 21.55 15.15
N GLU B 59 -14.38 20.24 15.13
CA GLU B 59 -15.69 19.77 14.67
C GLU B 59 -16.78 20.19 15.64
N HIS B 60 -16.47 20.29 16.94
CA HIS B 60 -17.46 20.68 17.92
C HIS B 60 -17.84 22.15 17.77
N ILE B 61 -16.86 23.01 17.53
CA ILE B 61 -17.17 24.42 17.28
C ILE B 61 -17.92 24.57 15.95
N LEU B 62 -17.57 23.77 14.96
CA LEU B 62 -18.27 23.84 13.66
C LEU B 62 -19.76 23.61 13.83
N GLU B 63 -20.13 22.58 14.59
CA GLU B 63 -21.53 22.19 14.66
C GLU B 63 -22.33 22.96 15.69
N THR B 64 -21.69 23.46 16.76
CA THR B 64 -22.41 24.21 17.77
C THR B 64 -22.38 25.72 17.53
N GLN B 65 -21.46 26.19 16.68
CA GLN B 65 -21.21 27.62 16.50
C GLN B 65 -21.04 28.34 17.83
N ASP B 66 -20.65 27.60 18.87
CA ASP B 66 -20.46 28.17 20.19
C ASP B 66 -19.43 29.28 20.13
N LYS B 67 -19.86 30.50 19.81
CA LYS B 67 -18.94 31.63 19.85
C LYS B 67 -18.28 31.73 21.22
N ALA B 68 -19.07 32.04 22.26
CA ALA B 68 -18.63 32.16 23.65
C ALA B 68 -17.48 31.22 24.02
N GLU B 69 -17.55 29.96 23.61
CA GLU B 69 -16.47 29.02 23.90
C GLU B 69 -15.19 29.40 23.16
N VAL B 70 -15.33 29.91 21.93
CA VAL B 70 -14.15 30.32 21.15
C VAL B 70 -13.41 31.46 21.85
N GLU B 71 -14.11 32.52 22.26
CA GLU B 71 -13.37 33.59 22.94
C GLU B 71 -12.89 33.16 24.32
N ARG B 72 -13.59 32.25 24.99
CA ARG B 72 -13.04 31.69 26.22
C ARG B 72 -11.69 31.02 25.98
N ILE B 73 -11.59 30.17 24.96
CA ILE B 73 -10.34 29.45 24.73
C ILE B 73 -9.28 30.35 24.10
N LEU B 74 -9.69 31.39 23.37
CA LEU B 74 -8.71 32.34 22.86
C LEU B 74 -8.01 33.09 23.99
N LYS B 75 -8.76 33.47 25.03
CA LYS B 75 -8.13 34.05 26.21
C LYS B 75 -7.22 33.06 26.90
N LYS B 76 -7.63 31.79 26.95
CA LYS B 76 -6.78 30.76 27.53
C LYS B 76 -5.52 30.53 26.69
N ILE B 77 -5.63 30.66 25.37
CA ILE B 77 -4.48 30.48 24.49
C ILE B 77 -3.47 31.61 24.69
N GLU B 78 -3.96 32.84 24.87
CA GLU B 78 -3.06 33.96 25.16
C GLU B 78 -2.31 33.73 26.46
N GLN B 79 -2.97 33.14 27.46
CA GLN B 79 -2.28 32.78 28.69
C GLN B 79 -1.22 31.73 28.43
N CYS B 80 -1.52 30.76 27.55
CA CYS B 80 -0.54 29.73 27.18
C CYS B 80 0.68 30.35 26.51
N LYS B 81 0.46 31.36 25.67
CA LYS B 81 1.57 32.11 25.10
C LYS B 81 2.42 32.75 26.19
N LYS B 82 1.77 33.24 27.25
CA LYS B 82 2.48 33.89 28.34
C LYS B 82 3.36 32.90 29.10
N THR B 83 2.83 31.72 29.43
CA THR B 83 3.64 30.77 30.19
C THR B 83 4.84 30.29 29.38
N LEU B 84 4.67 30.10 28.07
CA LEU B 84 5.80 29.70 27.23
C LEU B 84 6.88 30.78 27.22
N ALA B 85 6.46 32.05 27.13
CA ALA B 85 7.40 33.17 27.21
C ALA B 85 8.09 33.21 28.58
N ASP B 86 7.31 33.05 29.66
CA ASP B 86 7.91 33.03 30.99
C ASP B 86 8.92 31.93 31.14
N LEU B 87 8.74 30.81 30.42
CA LEU B 87 9.67 29.69 30.48
C LEU B 87 10.88 29.89 29.59
N GLY B 88 10.89 30.92 28.75
CA GLY B 88 12.03 31.19 27.90
C GLY B 88 11.89 30.73 26.47
N TYR B 89 10.70 30.33 26.03
CA TYR B 89 10.49 29.97 24.64
C TYR B 89 10.39 31.24 23.80
N ILE B 90 11.27 31.36 22.81
CA ILE B 90 11.30 32.56 21.97
C ILE B 90 10.17 32.49 20.95
N GLU B 91 9.64 33.66 20.60
CA GLU B 91 8.38 33.75 19.86
C GLU B 91 8.39 32.94 18.57
N PHE B 92 9.46 33.07 17.77
CA PHE B 92 9.46 32.41 16.46
C PHE B 92 9.43 30.89 16.60
N THR B 93 9.78 30.36 17.76
CA THR B 93 9.78 28.92 17.96
C THR B 93 8.37 28.33 17.93
N PHE B 94 7.36 29.10 18.35
CA PHE B 94 6.00 28.57 18.42
C PHE B 94 4.94 29.42 17.71
N GLU B 95 5.29 30.63 17.23
CA GLU B 95 4.28 31.59 16.77
C GLU B 95 3.42 31.01 15.64
N ASP B 96 4.01 30.23 14.75
CA ASP B 96 3.27 29.74 13.60
C ASP B 96 2.29 28.63 14.00
N PHE B 97 2.60 27.89 15.06
CA PHE B 97 1.66 26.89 15.55
C PHE B 97 0.43 27.56 16.15
N PHE B 98 0.63 28.63 16.93
CA PHE B 98 -0.48 29.38 17.48
C PHE B 98 -1.35 29.95 16.37
N SER B 99 -0.73 30.65 15.41
CA SER B 99 -1.51 31.35 14.39
C SER B 99 -2.33 30.38 13.54
N ILE B 100 -1.78 29.20 13.27
CA ILE B 100 -2.48 28.25 12.41
C ILE B 100 -3.69 27.66 13.12
N PHE B 101 -3.56 27.34 14.41
CA PHE B 101 -4.72 26.84 15.14
C PHE B 101 -5.79 27.91 15.28
N ILE B 102 -5.40 29.13 15.64
CA ILE B 102 -6.36 30.23 15.75
C ILE B 102 -7.05 30.46 14.41
N ASP B 103 -6.30 30.32 13.31
CA ASP B 103 -6.91 30.42 11.99
C ASP B 103 -8.00 29.36 11.80
N GLN B 104 -7.70 28.11 12.16
CA GLN B 104 -8.71 27.06 12.05
C GLN B 104 -9.87 27.33 12.98
N LEU B 105 -9.59 27.84 14.18
CA LEU B 105 -10.64 28.15 15.14
C LEU B 105 -11.58 29.23 14.62
N GLU B 106 -11.03 30.28 14.00
CA GLU B 106 -11.89 31.31 13.43
C GLU B 106 -12.53 30.85 12.12
N SER B 107 -11.78 30.06 11.32
CA SER B 107 -12.30 29.60 10.05
C SER B 107 -13.56 28.76 10.21
N VAL B 108 -13.74 28.14 11.37
CA VAL B 108 -14.84 27.19 11.56
C VAL B 108 -16.10 27.87 12.07
N LEU B 109 -16.01 29.13 12.51
CA LEU B 109 -17.20 29.93 12.77
C LEU B 109 -17.77 30.41 11.44
N GLN B 110 -19.09 30.29 11.28
CA GLN B 110 -19.73 30.35 9.97
C GLN B 110 -20.06 31.77 9.50
N GLY B 111 -19.52 32.81 10.13
CA GLY B 111 -19.84 34.16 9.70
C GLY B 111 -19.20 34.60 8.40
N HIS B 112 -17.94 35.05 8.51
CA HIS B 112 -17.16 35.73 7.48
C HIS B 112 -17.03 35.05 6.13
N GLU B 113 -16.26 35.67 5.23
CA GLU B 113 -15.92 35.12 3.91
C GLU B 113 -14.50 34.58 4.00
N SER B 114 -14.39 33.40 4.58
CA SER B 114 -13.15 32.72 4.92
C SER B 114 -13.54 31.50 5.73
N SER B 115 -14.84 31.38 5.99
CA SER B 115 -15.38 30.29 6.77
C SER B 115 -15.22 28.96 6.03
N ILE B 116 -15.39 27.88 6.78
CA ILE B 116 -15.06 26.53 6.32
C ILE B 116 -16.22 25.61 6.64
N GLY B 117 -16.53 24.71 5.72
CA GLY B 117 -17.49 23.66 5.97
C GLY B 117 -16.82 22.39 6.49
N ALA B 118 -17.64 21.35 6.67
CA ALA B 118 -17.14 20.10 7.25
C ALA B 118 -16.15 19.39 6.33
N GLU B 119 -16.40 19.42 5.00
CA GLU B 119 -15.51 18.72 4.08
C GLU B 119 -14.13 19.36 4.04
N GLU B 120 -14.08 20.69 4.02
CA GLU B 120 -12.80 21.37 3.98
C GLU B 120 -12.09 21.26 5.33
N LEU B 121 -12.83 21.20 6.43
CA LEU B 121 -12.23 20.96 7.73
C LEU B 121 -11.51 19.62 7.75
N LEU B 122 -12.20 18.56 7.33
CA LEU B 122 -11.56 17.25 7.22
C LEU B 122 -10.34 17.31 6.31
N GLU B 123 -10.46 18.05 5.21
CA GLU B 123 -9.35 18.12 4.26
C GLU B 123 -8.16 18.88 4.86
N ARG B 124 -8.41 19.84 5.74
CA ARG B 124 -7.32 20.53 6.42
C ARG B 124 -6.67 19.67 7.48
N THR B 125 -7.45 18.93 8.27
CA THR B 125 -6.86 18.03 9.24
C THR B 125 -6.16 16.85 8.57
N ARG B 126 -6.34 16.67 7.27
CA ARG B 126 -5.61 15.67 6.49
C ARG B 126 -4.39 16.24 5.80
N ASP B 127 -4.22 17.56 5.82
CA ASP B 127 -3.07 18.21 5.19
C ASP B 127 -1.93 18.31 6.19
N GLN B 128 -0.76 17.78 5.81
CA GLN B 128 0.33 17.67 6.79
C GLN B 128 0.69 19.02 7.38
N MET B 129 0.77 20.06 6.56
CA MET B 129 1.14 21.38 7.07
C MET B 129 0.17 21.82 8.17
N VAL B 130 -1.11 21.94 7.85
CA VAL B 130 -2.10 22.39 8.83
C VAL B 130 -2.14 21.44 10.02
N SER B 131 -2.29 20.14 9.74
CA SER B 131 -2.56 19.17 10.80
C SER B 131 -1.39 19.02 11.76
N ASP B 132 -0.16 18.89 11.23
CA ASP B 132 1.00 18.76 12.10
C ASP B 132 1.26 20.03 12.91
N TYR B 133 1.07 21.20 12.29
CA TYR B 133 1.33 22.45 13.01
C TYR B 133 0.36 22.63 14.16
N VAL B 134 -0.89 22.20 13.99
CA VAL B 134 -1.85 22.25 15.09
C VAL B 134 -1.45 21.25 16.17
N VAL B 135 -1.03 20.05 15.78
CA VAL B 135 -0.50 19.09 16.75
C VAL B 135 0.68 19.70 17.49
N MET B 136 1.58 20.36 16.76
CA MET B 136 2.71 21.04 17.40
C MET B 136 2.23 22.09 18.39
N PHE B 137 1.16 22.81 18.04
CA PHE B 137 0.60 23.80 18.96
C PHE B 137 0.18 23.15 20.28
N PHE B 138 -0.57 22.04 20.19
CA PHE B 138 -1.01 21.35 21.40
C PHE B 138 0.18 20.79 22.18
N ARG B 139 1.18 20.25 21.47
CA ARG B 139 2.37 19.74 22.14
C ARG B 139 3.09 20.86 22.90
N PHE B 140 3.24 22.03 22.28
CA PHE B 140 3.89 23.15 22.96
C PHE B 140 3.05 23.65 24.12
N VAL B 141 1.73 23.76 23.93
CA VAL B 141 0.84 24.16 25.03
C VAL B 141 0.95 23.18 26.18
N THR B 142 0.95 21.88 25.87
CA THR B 142 1.05 20.86 26.91
C THR B 142 2.40 20.92 27.62
N SER B 143 3.47 21.06 26.85
CA SER B 143 4.80 21.14 27.46
C SER B 143 4.91 22.34 28.38
N GLY B 144 4.37 23.49 27.96
CA GLY B 144 4.44 24.68 28.79
C GLY B 144 3.67 24.52 30.09
N GLU B 145 2.48 23.92 30.03
CA GLU B 145 1.69 23.76 31.24
C GLU B 145 2.34 22.80 32.22
N ILE B 146 3.07 21.79 31.72
CA ILE B 146 3.73 20.84 32.63
C ILE B 146 4.88 21.53 33.35
N GLN B 147 5.73 22.24 32.61
CA GLN B 147 6.86 22.93 33.23
C GLN B 147 6.40 24.06 34.14
N ARG B 148 5.27 24.69 33.83
CA ARG B 148 4.75 25.72 34.73
C ARG B 148 4.40 25.14 36.08
N ARG B 149 3.87 23.91 36.09
CA ARG B 149 3.53 23.22 37.33
C ARG B 149 4.48 22.05 37.58
N ALA B 150 5.78 22.28 37.36
CA ALA B 150 6.76 21.19 37.46
C ALA B 150 6.71 20.51 38.81
N GLU B 151 6.53 21.29 39.88
CA GLU B 151 6.51 20.70 41.23
C GLU B 151 5.34 19.76 41.41
N PHE B 152 4.19 20.08 40.82
CA PHE B 152 3.04 19.20 40.92
C PHE B 152 3.23 17.92 40.11
N PHE B 153 3.74 18.03 38.87
CA PHE B 153 3.85 16.88 37.99
C PHE B 153 5.08 16.02 38.28
N GLU B 154 6.10 16.59 38.91
CA GLU B 154 7.37 15.90 39.15
C GLU B 154 7.24 14.51 39.76
N PRO B 155 6.54 14.30 40.87
CA PRO B 155 6.50 12.94 41.43
C PRO B 155 5.78 11.95 40.55
N PHE B 156 4.87 12.41 39.68
CA PHE B 156 4.17 11.49 38.79
C PHE B 156 5.03 11.13 37.59
N ILE B 157 5.73 12.11 37.01
CA ILE B 157 6.60 11.85 35.88
C ILE B 157 7.73 10.90 36.29
N SER B 158 8.37 11.15 37.43
CA SER B 158 9.18 10.10 38.02
C SER B 158 8.27 8.99 38.53
N GLY B 159 8.77 7.78 38.55
CA GLY B 159 7.88 6.68 38.87
C GLY B 159 7.11 6.16 37.67
N LEU B 160 6.54 7.07 36.87
CA LEU B 160 6.07 6.69 35.54
C LEU B 160 7.26 6.45 34.61
N THR B 161 8.10 7.46 34.48
CA THR B 161 9.44 7.32 33.94
C THR B 161 10.41 7.45 35.12
N ASN B 162 11.70 7.35 34.84
CA ASN B 162 12.68 7.75 35.84
C ASN B 162 13.39 8.99 35.31
N SER B 163 12.62 9.96 34.84
CA SER B 163 13.15 11.16 34.23
C SER B 163 12.56 12.40 34.90
N THR B 164 13.24 13.52 34.69
CA THR B 164 12.80 14.80 35.23
C THR B 164 11.71 15.40 34.38
N VAL B 165 11.08 16.46 34.91
CA VAL B 165 9.99 17.13 34.21
C VAL B 165 10.44 17.67 32.86
N VAL B 166 11.62 18.32 32.83
CA VAL B 166 12.12 18.88 31.58
C VAL B 166 12.51 17.77 30.61
N GLN B 167 13.22 16.75 31.10
CA GLN B 167 13.53 15.59 30.27
C GLN B 167 12.27 14.98 29.67
N PHE B 168 11.22 14.83 30.49
CA PHE B 168 9.97 14.27 30.00
C PHE B 168 9.36 15.14 28.92
N CYS B 169 9.32 16.46 29.15
CA CYS B 169 8.75 17.36 28.15
C CYS B 169 9.55 17.34 26.85
N LYS B 170 10.88 17.30 26.95
CA LYS B 170 11.70 17.40 25.75
C LYS B 170 11.70 16.09 24.97
N ALA B 171 11.50 14.96 25.64
CA ALA B 171 11.55 13.64 25.03
C ALA B 171 10.20 13.13 24.55
N SER B 172 9.11 13.43 25.27
CA SER B 172 7.84 12.76 25.00
C SER B 172 6.65 13.69 24.83
N VAL B 173 6.79 14.98 25.08
CA VAL B 173 5.71 15.95 24.87
C VAL B 173 5.94 16.76 23.60
N GLU B 174 7.09 17.42 23.49
CA GLU B 174 7.38 18.32 22.38
C GLU B 174 7.65 17.63 21.04
N PRO B 175 8.36 16.50 20.97
CA PRO B 175 8.67 15.91 19.66
C PRO B 175 7.46 15.23 19.03
N MET B 176 7.35 15.39 17.71
CA MET B 176 6.31 14.71 16.95
C MET B 176 6.53 13.20 17.01
N GLY B 177 5.43 12.45 17.07
CA GLY B 177 5.51 11.01 17.02
C GLY B 177 5.62 10.31 18.36
N GLU B 178 5.59 11.05 19.47
CA GLU B 178 5.65 10.50 20.81
C GLU B 178 4.25 10.53 21.40
N GLU B 179 3.65 9.35 21.58
CA GLU B 179 2.24 9.27 21.92
C GLU B 179 1.97 9.77 23.34
N SER B 180 0.75 10.26 23.54
CA SER B 180 0.34 10.87 24.79
C SER B 180 -0.09 9.81 25.81
N ASP B 181 0.10 10.15 27.07
CA ASP B 181 -0.45 9.42 28.20
C ASP B 181 -1.26 10.40 29.06
N HIS B 182 -1.67 9.95 30.24
CA HIS B 182 -2.55 10.77 31.07
C HIS B 182 -1.90 12.10 31.46
N VAL B 183 -0.57 12.16 31.50
CA VAL B 183 0.08 13.41 31.84
C VAL B 183 -0.15 14.46 30.75
N HIS B 184 -0.05 14.05 29.48
CA HIS B 184 -0.40 14.95 28.38
C HIS B 184 -1.84 15.43 28.51
N ILE B 185 -2.75 14.49 28.75
CA ILE B 185 -4.18 14.80 28.69
C ILE B 185 -4.56 15.72 29.84
N ILE B 186 -4.02 15.47 31.04
CA ILE B 186 -4.29 16.34 32.17
C ILE B 186 -3.80 17.76 31.87
N ALA B 187 -2.58 17.87 31.37
CA ALA B 187 -1.99 19.19 31.13
C ALA B 187 -2.74 19.95 30.04
N LEU B 188 -3.05 19.29 28.91
CA LEU B 188 -3.72 19.99 27.82
C LEU B 188 -5.13 20.41 28.21
N SER B 189 -5.88 19.52 28.87
CA SER B 189 -7.23 19.88 29.28
C SER B 189 -7.23 21.02 30.30
N ASP B 190 -6.21 21.08 31.16
CA ASP B 190 -6.09 22.19 32.10
C ASP B 190 -5.70 23.47 31.38
N ALA B 191 -4.70 23.40 30.50
CA ALA B 191 -4.17 24.59 29.85
C ALA B 191 -5.19 25.23 28.94
N LEU B 192 -6.08 24.45 28.34
CA LEU B 192 -7.10 24.97 27.44
C LEU B 192 -8.47 25.04 28.09
N GLY B 193 -8.66 24.41 29.24
CA GLY B 193 -9.95 24.43 29.89
C GLY B 193 -11.02 23.68 29.12
N VAL B 194 -10.65 22.62 28.41
CA VAL B 194 -11.58 21.80 27.65
C VAL B 194 -11.65 20.43 28.31
N PRO B 195 -12.83 19.96 28.72
CA PRO B 195 -12.93 18.62 29.29
C PRO B 195 -12.89 17.54 28.22
N ILE B 196 -12.30 16.42 28.59
CA ILE B 196 -12.12 15.29 27.69
C ILE B 196 -12.52 14.02 28.44
N ARG B 197 -13.40 13.23 27.84
CA ARG B 197 -13.70 11.89 28.33
C ARG B 197 -12.92 10.89 27.49
N VAL B 198 -12.16 10.02 28.17
CA VAL B 198 -11.42 8.95 27.50
C VAL B 198 -12.04 7.62 27.92
N MET B 199 -12.45 6.83 26.94
CA MET B 199 -12.87 5.45 27.18
C MET B 199 -11.70 4.51 26.96
N TYR B 200 -11.52 3.57 27.86
CA TYR B 200 -10.36 2.69 27.85
C TYR B 200 -10.73 1.30 27.36
N LEU B 201 -10.26 0.97 26.16
CA LEU B 201 -10.48 -0.33 25.55
C LEU B 201 -9.23 -1.16 25.84
N ASP B 202 -9.22 -1.81 27.00
CA ASP B 202 -8.13 -2.67 27.41
C ASP B 202 -8.71 -3.85 28.16
N ARG B 203 -7.85 -4.77 28.59
CA ARG B 203 -8.30 -5.93 29.33
C ARG B 203 -8.58 -5.56 30.78
N SER B 204 -9.56 -6.28 31.37
CA SER B 204 -10.23 -5.94 32.65
C SER B 204 -11.25 -4.83 32.47
N ASN B 210 -17.58 -7.71 37.05
CA ASN B 210 -17.94 -8.05 35.68
C ASN B 210 -17.32 -7.06 34.67
N ILE B 211 -17.57 -7.29 33.39
CA ILE B 211 -16.88 -6.58 32.31
C ILE B 211 -17.61 -5.27 32.01
N SER B 212 -16.88 -4.16 32.11
CA SER B 212 -17.37 -2.85 31.71
C SER B 212 -16.22 -2.07 31.10
N VAL B 213 -16.55 -0.96 30.44
CA VAL B 213 -15.56 -0.09 29.81
C VAL B 213 -15.24 1.03 30.78
N ASN B 214 -14.03 1.01 31.34
CA ASN B 214 -13.61 2.10 32.20
C ASN B 214 -13.52 3.41 31.41
N HIS B 215 -13.66 4.51 32.12
CA HIS B 215 -13.48 5.83 31.52
C HIS B 215 -12.95 6.77 32.56
N HIS B 216 -12.51 7.94 32.11
CA HIS B 216 -12.15 9.01 33.01
C HIS B 216 -12.42 10.33 32.31
N ASP B 217 -12.98 11.27 33.07
CA ASP B 217 -13.29 12.59 32.57
C ASP B 217 -12.20 13.55 33.02
N PHE B 218 -11.34 13.95 32.09
CA PHE B 218 -10.34 14.96 32.38
C PHE B 218 -10.95 16.35 32.22
N SER B 219 -10.82 17.19 33.25
CA SER B 219 -11.38 18.53 33.20
C SER B 219 -10.71 19.37 34.25
N PRO B 220 -10.64 20.69 34.08
CA PRO B 220 -10.04 21.54 35.12
C PRO B 220 -10.61 21.32 36.50
N GLU B 221 -11.88 20.95 36.60
CA GLU B 221 -12.47 20.64 37.90
C GLU B 221 -12.08 19.24 38.38
N ALA B 222 -12.03 18.27 37.48
CA ALA B 222 -11.67 16.91 37.86
C ALA B 222 -10.18 16.74 38.12
N ASN B 223 -9.34 17.49 37.41
CA ASN B 223 -7.89 17.38 37.57
C ASN B 223 -7.37 18.11 38.81
N SER B 224 -8.16 19.00 39.41
CA SER B 224 -7.69 19.75 40.57
C SER B 224 -7.66 18.88 41.81
N SER B 225 -6.65 19.10 42.66
CA SER B 225 -6.48 18.34 43.89
C SER B 225 -7.41 18.79 45.01
N ASP B 226 -8.28 19.77 44.77
CA ASP B 226 -9.21 20.23 45.79
C ASP B 226 -10.54 19.49 45.70
N ALA B 231 -19.75 18.19 37.39
CA ALA B 231 -19.68 19.42 36.60
C ALA B 231 -20.33 19.22 35.23
N GLU B 232 -19.66 19.71 34.19
CA GLU B 232 -20.16 19.58 32.83
C GLU B 232 -19.59 18.31 32.20
N LYS B 233 -20.48 17.45 31.70
CA LYS B 233 -20.03 16.24 31.03
C LYS B 233 -19.30 16.59 29.74
N PRO B 234 -18.18 15.94 29.44
CA PRO B 234 -17.35 16.35 28.30
C PRO B 234 -18.09 16.20 26.98
N TYR B 235 -17.86 17.16 26.07
CA TYR B 235 -18.34 17.06 24.70
C TYR B 235 -17.30 16.47 23.77
N ILE B 236 -16.13 16.10 24.27
CA ILE B 236 -15.12 15.36 23.52
C ILE B 236 -14.94 14.01 24.20
N THR B 237 -15.23 12.94 23.47
CA THR B 237 -15.06 11.57 23.96
C THR B 237 -14.09 10.83 23.04
N LEU B 238 -13.02 10.31 23.62
CA LEU B 238 -11.98 9.60 22.88
C LEU B 238 -11.92 8.14 23.31
N LEU B 239 -11.54 7.28 22.38
CA LEU B 239 -11.33 5.86 22.65
C LEU B 239 -9.84 5.56 22.62
N TYR B 240 -9.32 5.03 23.73
CA TYR B 240 -7.89 4.74 23.85
C TYR B 240 -7.65 3.24 23.82
N ARG B 241 -6.71 2.82 22.97
CA ARG B 241 -6.02 1.55 23.03
C ARG B 241 -4.54 1.86 22.93
N PRO B 242 -3.65 0.92 23.35
CA PRO B 242 -2.21 1.17 23.19
C PRO B 242 -1.87 1.56 21.76
N GLY B 243 -1.26 2.73 21.60
CA GLY B 243 -0.95 3.27 20.28
C GLY B 243 -2.09 3.95 19.56
N HIS B 244 -3.25 4.14 20.19
CA HIS B 244 -4.41 4.65 19.46
C HIS B 244 -5.24 5.59 20.33
N TYR B 245 -5.64 6.72 19.74
CA TYR B 245 -6.73 7.55 20.25
C TYR B 245 -7.66 7.82 19.08
N ASP B 246 -8.90 7.37 19.19
CA ASP B 246 -9.90 7.64 18.17
C ASP B 246 -11.05 8.42 18.81
N ILE B 247 -11.95 8.94 17.98
CA ILE B 247 -13.04 9.80 18.43
C ILE B 247 -14.33 8.99 18.44
N LEU B 248 -15.05 9.05 19.56
CA LEU B 248 -16.34 8.40 19.69
C LEU B 248 -17.48 9.43 19.57
N TYR B 249 -18.57 9.02 18.95
CA TYR B 249 -19.73 9.88 18.80
C TYR B 249 -20.90 9.30 19.57
N PRO B 250 -21.36 9.97 20.64
CA PRO B 250 -22.46 9.43 21.44
C PRO B 250 -23.75 9.28 20.64
N LYS B 251 -24.65 8.45 21.16
CA LYS B 251 -25.92 8.18 20.50
C LYS B 251 -26.90 9.34 20.62
N LEU C 2 -21.14 21.67 -0.99
CA LEU C 2 -20.45 22.41 -2.05
C LEU C 2 -19.59 21.52 -3.00
N PRO C 3 -18.73 20.65 -2.48
CA PRO C 3 -17.83 19.90 -3.37
C PRO C 3 -18.61 18.94 -4.26
N TYR C 4 -17.96 18.54 -5.36
CA TYR C 4 -18.57 17.60 -6.29
C TYR C 4 -18.98 16.31 -5.60
N VAL C 5 -18.13 15.82 -4.70
CA VAL C 5 -18.38 14.60 -3.95
C VAL C 5 -18.17 14.91 -2.47
N GLY C 6 -19.15 14.56 -1.65
CA GLY C 6 -19.04 14.78 -0.22
C GLY C 6 -18.23 13.69 0.46
N ASP C 7 -18.16 13.80 1.79
CA ASP C 7 -17.55 12.76 2.61
C ASP C 7 -18.57 11.69 2.92
N LYS C 8 -18.13 10.64 3.60
CA LYS C 8 -19.02 9.56 4.01
C LYS C 8 -19.85 10.04 5.20
N GLU C 9 -21.16 10.10 5.03
CA GLU C 9 -22.06 10.54 6.08
C GLU C 9 -22.94 9.39 6.53
N PRO C 10 -23.29 9.32 7.81
CA PRO C 10 -24.31 8.35 8.22
C PRO C 10 -25.67 8.71 7.64
N LEU C 11 -26.52 7.69 7.51
CA LEU C 11 -27.84 7.91 6.96
C LEU C 11 -28.68 8.87 7.79
N SER C 12 -28.32 9.08 9.05
CA SER C 12 -29.04 10.01 9.90
C SER C 12 -29.00 11.44 9.37
N THR C 13 -28.02 11.77 8.51
CA THR C 13 -28.04 13.10 7.90
C THR C 13 -29.14 13.21 6.86
N LEU C 14 -29.40 12.11 6.14
CA LEU C 14 -30.57 12.07 5.26
C LEU C 14 -31.86 12.18 6.07
N ALA C 15 -31.95 11.42 7.17
CA ALA C 15 -33.14 11.49 8.01
C ALA C 15 -33.35 12.89 8.57
N ALA C 16 -32.26 13.56 8.96
CA ALA C 16 -32.39 14.92 9.49
C ALA C 16 -32.76 15.90 8.39
N GLU C 17 -32.19 15.74 7.21
CA GLU C 17 -32.55 16.59 6.08
C GLU C 17 -34.05 16.54 5.82
N PHE C 18 -34.68 15.38 6.01
CA PHE C 18 -36.09 15.20 5.67
C PHE C 18 -36.99 15.05 6.89
N GLN C 19 -36.50 15.33 8.08
CA GLN C 19 -37.43 15.71 9.14
C GLN C 19 -38.16 16.96 8.64
N SER C 20 -39.44 17.07 8.97
CA SER C 20 -40.37 18.03 8.38
C SER C 20 -40.71 17.70 6.92
N GLY C 21 -40.14 16.65 6.35
CA GLY C 21 -40.49 16.22 5.02
C GLY C 21 -41.69 15.29 5.01
N SER C 22 -41.95 14.73 3.84
CA SER C 22 -43.08 13.82 3.67
C SER C 22 -42.93 12.60 4.59
N PRO C 23 -43.98 12.20 5.30
CA PRO C 23 -43.84 11.10 6.25
C PRO C 23 -43.43 9.78 5.60
N ILE C 24 -43.86 9.51 4.37
CA ILE C 24 -43.48 8.23 3.79
C ILE C 24 -42.06 8.28 3.24
N LEU C 25 -41.56 9.47 2.86
CA LEU C 25 -40.13 9.61 2.58
C LEU C 25 -39.32 9.33 3.84
N GLN C 26 -39.74 9.92 4.96
CA GLN C 26 -39.07 9.68 6.23
C GLN C 26 -39.06 8.20 6.57
N GLU C 27 -40.15 7.50 6.25
CA GLU C 27 -40.21 6.08 6.55
C GLU C 27 -39.34 5.27 5.60
N LYS C 28 -39.22 5.70 4.34
CA LYS C 28 -38.33 5.01 3.40
C LYS C 28 -36.87 5.23 3.78
N ILE C 29 -36.53 6.43 4.27
CA ILE C 29 -35.18 6.67 4.77
C ILE C 29 -34.88 5.76 5.95
N LYS C 30 -35.89 5.53 6.80
CA LYS C 30 -35.72 4.61 7.92
C LYS C 30 -35.43 3.19 7.44
N LEU C 31 -36.19 2.72 6.45
CA LEU C 31 -35.95 1.39 5.89
C LEU C 31 -34.57 1.28 5.24
N LEU C 32 -34.09 2.38 4.63
CA LEU C 32 -32.74 2.38 4.07
C LEU C 32 -31.72 2.07 5.14
N GLY C 33 -31.94 2.56 6.36
CA GLY C 33 -31.03 2.32 7.47
C GLY C 33 -30.92 0.89 7.90
N GLU C 34 -31.79 0.01 7.40
CA GLU C 34 -31.71 -1.40 7.74
C GLU C 34 -30.57 -2.09 7.01
N GLN C 35 -30.31 -1.70 5.76
CA GLN C 35 -29.32 -2.38 4.94
C GLN C 35 -28.14 -1.51 4.54
N TYR C 36 -28.15 -0.22 4.88
CA TYR C 36 -27.10 0.70 4.45
C TYR C 36 -26.59 1.51 5.63
N ASP C 37 -25.27 1.68 5.67
CA ASP C 37 -24.51 2.30 6.76
C ASP C 37 -24.29 3.78 6.54
N ALA C 38 -24.03 4.18 5.30
CA ALA C 38 -23.51 5.50 5.02
C ALA C 38 -23.98 5.94 3.65
N LEU C 39 -23.78 7.23 3.39
CA LEU C 39 -24.24 7.88 2.19
C LEU C 39 -23.15 8.86 1.75
N ARG C 40 -22.89 8.92 0.45
CA ARG C 40 -21.95 9.89 -0.11
C ARG C 40 -22.69 10.71 -1.16
N ARG C 41 -22.85 12.00 -0.86
CA ARG C 41 -23.62 12.91 -1.71
C ARG C 41 -22.76 13.47 -2.84
N THR C 42 -23.42 13.75 -3.96
CA THR C 42 -22.80 14.51 -5.05
C THR C 42 -23.54 15.82 -5.24
N ARG C 43 -22.80 16.84 -5.68
CA ARG C 43 -23.37 18.16 -5.94
C ARG C 43 -24.50 18.07 -6.96
N GLY C 44 -25.67 18.60 -6.59
CA GLY C 44 -26.84 18.54 -7.46
C GLY C 44 -26.75 19.52 -8.61
N ASP C 45 -25.95 19.16 -9.63
CA ASP C 45 -25.65 20.07 -10.73
C ASP C 45 -26.05 19.50 -12.09
N GLY C 46 -26.85 18.44 -12.13
CA GLY C 46 -27.23 17.80 -13.36
C GLY C 46 -26.29 16.74 -13.86
N ASN C 47 -25.22 16.43 -13.12
CA ASN C 47 -24.26 15.39 -13.49
C ASN C 47 -24.18 14.29 -12.44
N CYS C 48 -25.22 14.14 -11.62
CA CYS C 48 -25.11 13.38 -10.37
C CYS C 48 -24.89 11.90 -10.62
N PHE C 49 -25.65 11.31 -11.56
CA PHE C 49 -25.47 9.89 -11.82
C PHE C 49 -24.05 9.59 -12.28
N TYR C 50 -23.53 10.40 -13.20
CA TYR C 50 -22.18 10.19 -13.69
C TYR C 50 -21.14 10.49 -12.62
N ARG C 51 -21.38 11.53 -11.82
CA ARG C 51 -20.44 11.86 -10.75
C ARG C 51 -20.43 10.78 -9.67
N SER C 52 -21.61 10.25 -9.33
CA SER C 52 -21.66 9.21 -8.31
C SER C 52 -21.14 7.87 -8.85
N PHE C 53 -21.38 7.59 -10.13
CA PHE C 53 -20.83 6.36 -10.70
C PHE C 53 -19.32 6.43 -10.80
N MET C 54 -18.78 7.60 -11.13
CA MET C 54 -17.33 7.75 -11.23
C MET C 54 -16.65 7.44 -9.91
N PHE C 55 -17.08 8.10 -8.83
CA PHE C 55 -16.40 7.89 -7.55
C PHE C 55 -16.61 6.47 -7.04
N SER C 56 -17.85 6.00 -7.05
CA SER C 56 -18.14 4.70 -6.43
C SER C 56 -17.41 3.57 -7.15
N TYR C 57 -17.31 3.66 -8.48
CA TYR C 57 -16.58 2.62 -9.23
C TYR C 57 -15.08 2.70 -8.97
N LEU C 58 -14.51 3.90 -9.09
CA LEU C 58 -13.08 4.05 -8.80
C LEU C 58 -12.78 3.67 -7.36
N GLU C 59 -13.65 4.07 -6.42
CA GLU C 59 -13.48 3.66 -5.03
C GLU C 59 -13.54 2.16 -4.88
N HIS C 60 -14.36 1.49 -5.68
CA HIS C 60 -14.45 0.03 -5.62
C HIS C 60 -13.14 -0.62 -6.05
N ILE C 61 -12.58 -0.17 -7.17
CA ILE C 61 -11.29 -0.71 -7.64
C ILE C 61 -10.19 -0.44 -6.62
N LEU C 62 -10.20 0.76 -6.05
CA LEU C 62 -9.20 1.12 -5.04
C LEU C 62 -9.24 0.15 -3.87
N GLU C 63 -10.43 -0.17 -3.38
CA GLU C 63 -10.55 -0.96 -2.16
C GLU C 63 -10.39 -2.45 -2.42
N THR C 64 -10.66 -2.91 -3.65
CA THR C 64 -10.56 -4.33 -3.96
C THR C 64 -9.28 -4.70 -4.69
N GLN C 65 -8.65 -3.75 -5.39
CA GLN C 65 -7.50 -4.04 -6.25
C GLN C 65 -7.83 -5.17 -7.22
N ASP C 66 -9.09 -5.18 -7.67
CA ASP C 66 -9.55 -6.15 -8.66
C ASP C 66 -8.90 -5.88 -10.00
N LYS C 67 -7.71 -6.45 -10.22
CA LYS C 67 -6.99 -6.22 -11.46
C LYS C 67 -7.71 -6.82 -12.66
N ALA C 68 -8.35 -7.98 -12.48
CA ALA C 68 -9.08 -8.60 -13.59
C ALA C 68 -10.24 -7.72 -14.05
N GLU C 69 -10.92 -7.06 -13.11
CA GLU C 69 -12.02 -6.18 -13.49
C GLU C 69 -11.52 -4.97 -14.28
N VAL C 70 -10.36 -4.41 -13.89
CA VAL C 70 -9.78 -3.33 -14.67
C VAL C 70 -9.47 -3.80 -16.08
N GLU C 71 -8.85 -4.98 -16.20
CA GLU C 71 -8.61 -5.56 -17.51
C GLU C 71 -9.90 -5.72 -18.30
N ARG C 72 -10.96 -6.20 -17.64
CA ARG C 72 -12.23 -6.42 -18.32
C ARG C 72 -12.81 -5.11 -18.83
N ILE C 73 -12.88 -4.09 -17.96
CA ILE C 73 -13.51 -2.84 -18.38
C ILE C 73 -12.64 -2.12 -19.39
N LEU C 74 -11.32 -2.32 -19.34
CA LEU C 74 -10.47 -1.66 -20.33
C LEU C 74 -10.73 -2.21 -21.73
N LYS C 75 -10.99 -3.51 -21.84
CA LYS C 75 -11.38 -4.07 -23.13
C LYS C 75 -12.71 -3.49 -23.59
N LYS C 76 -13.65 -3.31 -22.65
CA LYS C 76 -14.94 -2.73 -22.99
C LYS C 76 -14.79 -1.28 -23.43
N ILE C 77 -13.87 -0.54 -22.82
CA ILE C 77 -13.72 0.86 -23.14
C ILE C 77 -13.23 1.04 -24.58
N GLU C 78 -12.36 0.14 -25.06
CA GLU C 78 -11.90 0.25 -26.44
C GLU C 78 -12.95 -0.19 -27.45
N GLN C 79 -13.86 -1.10 -27.07
CA GLN C 79 -15.03 -1.33 -27.90
C GLN C 79 -15.87 -0.06 -28.01
N CYS C 80 -16.00 0.68 -26.90
CA CYS C 80 -16.77 1.92 -26.92
C CYS C 80 -16.13 2.95 -27.86
N LYS C 81 -14.80 2.99 -27.90
CA LYS C 81 -14.14 3.89 -28.85
C LYS C 81 -14.42 3.48 -30.29
N LYS C 82 -14.57 2.17 -30.52
CA LYS C 82 -14.88 1.69 -31.87
C LYS C 82 -16.29 2.11 -32.29
N THR C 83 -17.28 1.94 -31.41
CA THR C 83 -18.64 2.36 -31.75
C THR C 83 -18.72 3.86 -31.97
N LEU C 84 -17.99 4.64 -31.16
CA LEU C 84 -17.99 6.09 -31.34
C LEU C 84 -17.42 6.48 -32.70
N ALA C 85 -16.37 5.79 -33.14
CA ALA C 85 -15.77 6.11 -34.43
C ALA C 85 -16.68 5.65 -35.59
N ASP C 86 -17.33 4.50 -35.44
CA ASP C 86 -18.22 4.01 -36.48
C ASP C 86 -19.41 4.92 -36.71
N LEU C 87 -19.81 5.68 -35.68
CA LEU C 87 -20.90 6.63 -35.82
C LEU C 87 -20.47 7.95 -36.42
N GLY C 88 -19.17 8.18 -36.58
CA GLY C 88 -18.67 9.40 -37.17
C GLY C 88 -18.05 10.40 -36.22
N TYR C 89 -17.84 10.03 -34.96
CA TYR C 89 -17.17 10.92 -34.02
C TYR C 89 -15.67 10.91 -34.31
N ILE C 90 -15.12 12.07 -34.66
CA ILE C 90 -13.69 12.15 -34.92
C ILE C 90 -12.93 11.94 -33.61
N GLU C 91 -11.82 11.21 -33.70
CA GLU C 91 -11.08 10.85 -32.49
C GLU C 91 -10.59 12.08 -31.73
N PHE C 92 -10.36 13.18 -32.43
CA PHE C 92 -9.86 14.40 -31.82
C PHE C 92 -10.91 15.12 -30.96
N THR C 93 -12.16 14.63 -30.94
CA THR C 93 -13.21 15.26 -30.15
C THR C 93 -13.47 14.57 -28.81
N PHE C 94 -12.91 13.37 -28.58
CA PHE C 94 -13.14 12.66 -27.34
C PHE C 94 -11.91 11.96 -26.76
N GLU C 95 -10.72 12.12 -27.37
CA GLU C 95 -9.55 11.36 -26.93
C GLU C 95 -9.15 11.70 -25.51
N ASP C 96 -9.31 12.96 -25.10
CA ASP C 96 -8.92 13.37 -23.76
C ASP C 96 -9.83 12.76 -22.71
N PHE C 97 -11.11 12.57 -23.02
CA PHE C 97 -12.03 11.96 -22.05
C PHE C 97 -11.63 10.51 -21.77
N PHE C 98 -11.33 9.74 -22.83
CA PHE C 98 -10.86 8.37 -22.66
C PHE C 98 -9.54 8.34 -21.89
N SER C 99 -8.62 9.25 -22.22
CA SER C 99 -7.30 9.25 -21.59
C SER C 99 -7.41 9.52 -20.10
N ILE C 100 -8.14 10.56 -19.72
CA ILE C 100 -8.20 10.95 -18.32
C ILE C 100 -8.86 9.87 -17.47
N PHE C 101 -9.87 9.17 -18.00
CA PHE C 101 -10.52 8.14 -17.20
C PHE C 101 -9.62 6.92 -17.06
N ILE C 102 -9.02 6.45 -18.15
CA ILE C 102 -8.08 5.34 -18.06
C ILE C 102 -6.96 5.67 -17.08
N ASP C 103 -6.50 6.93 -17.09
CA ASP C 103 -5.52 7.38 -16.09
C ASP C 103 -6.01 7.14 -14.67
N GLN C 104 -7.24 7.60 -14.36
CA GLN C 104 -7.76 7.42 -13.00
C GLN C 104 -7.94 5.94 -12.67
N LEU C 105 -8.42 5.17 -13.63
CA LEU C 105 -8.56 3.73 -13.42
C LEU C 105 -7.22 3.10 -13.02
N GLU C 106 -6.16 3.44 -13.75
CA GLU C 106 -4.86 2.84 -13.46
C GLU C 106 -4.22 3.43 -12.22
N SER C 107 -4.42 4.73 -11.97
CA SER C 107 -3.82 5.37 -10.79
C SER C 107 -4.35 4.77 -9.50
N VAL C 108 -5.57 4.24 -9.52
CA VAL C 108 -6.17 3.69 -8.31
C VAL C 108 -5.65 2.30 -7.99
N LEU C 109 -5.04 1.63 -8.97
CA LEU C 109 -4.37 0.36 -8.71
C LEU C 109 -3.01 0.63 -8.05
N GLN C 110 -2.76 -0.05 -6.94
CA GLN C 110 -1.45 -0.04 -6.29
C GLN C 110 -0.58 -1.14 -6.88
N GLY C 111 0.74 -0.95 -6.83
CA GLY C 111 1.38 0.23 -6.30
C GLY C 111 2.60 0.57 -7.13
N HIS C 112 2.37 1.41 -8.14
CA HIS C 112 3.40 1.83 -9.07
C HIS C 112 3.70 3.32 -8.81
N GLU C 113 4.22 4.02 -9.82
CA GLU C 113 4.63 5.40 -9.64
C GLU C 113 3.43 6.30 -9.36
N SER C 114 2.44 6.30 -10.25
CA SER C 114 1.31 7.23 -10.19
C SER C 114 0.16 6.71 -9.34
N SER C 115 0.42 5.81 -8.39
CA SER C 115 -0.66 5.25 -7.57
C SER C 115 -1.17 6.27 -6.58
N ILE C 116 -2.51 6.33 -6.43
CA ILE C 116 -3.16 7.29 -5.55
C ILE C 116 -3.97 6.54 -4.49
N GLY C 117 -4.19 7.22 -3.35
CA GLY C 117 -4.97 6.68 -2.27
C GLY C 117 -6.36 7.29 -2.22
N ALA C 118 -7.04 7.03 -1.10
CA ALA C 118 -8.43 7.48 -0.95
C ALA C 118 -8.54 9.00 -0.98
N GLU C 119 -7.66 9.69 -0.26
CA GLU C 119 -7.77 11.15 -0.18
C GLU C 119 -7.54 11.79 -1.55
N GLU C 120 -6.55 11.32 -2.31
CA GLU C 120 -6.24 11.91 -3.59
C GLU C 120 -7.30 11.59 -4.63
N LEU C 121 -7.88 10.38 -4.56
CA LEU C 121 -9.03 10.06 -5.41
C LEU C 121 -10.17 11.03 -5.15
N LEU C 122 -10.51 11.23 -3.87
CA LEU C 122 -11.55 12.20 -3.52
C LEU C 122 -11.18 13.58 -4.05
N GLU C 123 -9.92 13.97 -3.89
CA GLU C 123 -9.47 15.28 -4.36
C GLU C 123 -9.60 15.41 -5.87
N ARG C 124 -9.30 14.34 -6.62
CA ARG C 124 -9.41 14.41 -8.07
C ARG C 124 -10.86 14.47 -8.51
N THR C 125 -11.75 13.74 -7.83
CA THR C 125 -13.17 13.84 -8.18
C THR C 125 -13.75 15.17 -7.76
N ARG C 126 -13.05 15.93 -6.92
CA ARG C 126 -13.47 17.27 -6.55
C ARG C 126 -12.87 18.35 -7.42
N ASP C 127 -11.95 18.01 -8.32
CA ASP C 127 -11.31 19.00 -9.19
C ASP C 127 -12.08 19.05 -10.51
N GLN C 128 -12.57 20.24 -10.86
CA GLN C 128 -13.45 20.34 -12.00
C GLN C 128 -12.81 19.80 -13.27
N MET C 129 -11.50 20.02 -13.43
CA MET C 129 -10.81 19.53 -14.62
C MET C 129 -10.92 18.02 -14.74
N VAL C 130 -10.34 17.28 -13.79
CA VAL C 130 -10.42 15.83 -13.87
C VAL C 130 -11.87 15.36 -13.81
N SER C 131 -12.65 15.90 -12.88
CA SER C 131 -13.98 15.37 -12.61
C SER C 131 -14.89 15.50 -13.83
N ASP C 132 -14.93 16.68 -14.44
CA ASP C 132 -15.83 16.89 -15.57
C ASP C 132 -15.42 16.11 -16.81
N TYR C 133 -14.10 15.95 -17.04
CA TYR C 133 -13.68 15.17 -18.20
C TYR C 133 -14.10 13.71 -18.06
N VAL C 134 -14.08 13.17 -16.83
CA VAL C 134 -14.57 11.81 -16.61
C VAL C 134 -16.07 11.75 -16.86
N VAL C 135 -16.83 12.72 -16.33
CA VAL C 135 -18.26 12.79 -16.60
C VAL C 135 -18.53 12.82 -18.10
N MET C 136 -17.80 13.68 -18.82
CA MET C 136 -17.95 13.75 -20.27
C MET C 136 -17.64 12.41 -20.92
N PHE C 137 -16.62 11.71 -20.41
CA PHE C 137 -16.29 10.39 -20.94
C PHE C 137 -17.49 9.45 -20.84
N PHE C 138 -18.11 9.40 -19.65
CA PHE C 138 -19.29 8.56 -19.47
C PHE C 138 -20.42 9.02 -20.38
N ARG C 139 -20.59 10.33 -20.55
CA ARG C 139 -21.65 10.84 -21.41
C ARG C 139 -21.45 10.39 -22.86
N PHE C 140 -20.22 10.54 -23.37
CA PHE C 140 -19.94 10.10 -24.74
C PHE C 140 -20.15 8.61 -24.90
N VAL C 141 -19.65 7.82 -23.95
CA VAL C 141 -19.82 6.37 -24.02
C VAL C 141 -21.30 6.01 -23.99
N THR C 142 -22.07 6.64 -23.11
CA THR C 142 -23.50 6.39 -23.03
C THR C 142 -24.19 6.75 -24.35
N SER C 143 -23.87 7.92 -24.90
CA SER C 143 -24.49 8.37 -26.14
C SER C 143 -24.16 7.43 -27.29
N GLY C 144 -22.91 6.95 -27.36
CA GLY C 144 -22.54 6.05 -28.43
C GLY C 144 -23.25 4.71 -28.34
N GLU C 145 -23.44 4.21 -27.12
CA GLU C 145 -24.14 2.95 -26.94
C GLU C 145 -25.63 3.07 -27.27
N ILE C 146 -26.24 4.23 -27.00
CA ILE C 146 -27.64 4.42 -27.37
C ILE C 146 -27.79 4.47 -28.89
N GLN C 147 -26.92 5.23 -29.56
CA GLN C 147 -27.00 5.33 -31.01
C GLN C 147 -26.66 4.01 -31.69
N ARG C 148 -25.69 3.28 -31.15
CA ARG C 148 -25.38 1.96 -31.68
C ARG C 148 -26.63 1.08 -31.71
N ARG C 149 -27.41 1.11 -30.64
CA ARG C 149 -28.64 0.32 -30.58
C ARG C 149 -29.85 1.23 -30.71
N ALA C 150 -29.81 2.14 -31.69
CA ALA C 150 -30.88 3.13 -31.86
C ALA C 150 -32.23 2.45 -32.07
N GLU C 151 -32.28 1.40 -32.89
CA GLU C 151 -33.55 0.76 -33.16
C GLU C 151 -34.15 0.14 -31.91
N PHE C 152 -33.31 -0.38 -31.01
CA PHE C 152 -33.82 -0.96 -29.78
C PHE C 152 -34.32 0.12 -28.82
N PHE C 153 -33.63 1.25 -28.75
CA PHE C 153 -33.99 2.33 -27.83
C PHE C 153 -35.08 3.24 -28.36
N GLU C 154 -35.32 3.25 -29.67
CA GLU C 154 -36.24 4.19 -30.32
C GLU C 154 -37.61 4.21 -29.64
N PRO C 155 -38.32 3.08 -29.51
CA PRO C 155 -39.68 3.17 -28.96
C PRO C 155 -39.72 3.67 -27.52
N PHE C 156 -38.70 3.33 -26.73
CA PHE C 156 -38.68 3.80 -25.35
C PHE C 156 -38.42 5.31 -25.28
N ILE C 157 -37.46 5.80 -26.06
CA ILE C 157 -37.13 7.21 -26.02
C ILE C 157 -38.30 8.05 -26.50
N SER C 158 -38.98 7.64 -27.58
CA SER C 158 -40.08 8.44 -28.09
C SER C 158 -41.33 8.36 -27.21
N GLY C 159 -41.41 7.37 -26.33
CA GLY C 159 -42.46 7.34 -25.33
C GLY C 159 -42.14 8.22 -24.14
N LEU C 160 -40.88 8.21 -23.73
CA LEU C 160 -40.41 9.05 -22.63
C LEU C 160 -40.44 10.52 -23.03
N THR C 161 -39.44 10.93 -23.80
CA THR C 161 -39.48 12.21 -24.49
C THR C 161 -40.38 12.05 -25.70
N ASN C 162 -40.41 13.03 -26.59
CA ASN C 162 -41.07 12.85 -27.88
C ASN C 162 -40.10 13.17 -29.00
N SER C 163 -38.90 12.61 -28.89
CA SER C 163 -37.78 12.92 -29.75
C SER C 163 -37.22 11.63 -30.34
N THR C 164 -36.39 11.80 -31.38
CA THR C 164 -35.72 10.65 -31.97
C THR C 164 -34.52 10.27 -31.10
N VAL C 165 -33.86 9.17 -31.47
CA VAL C 165 -32.72 8.68 -30.69
C VAL C 165 -31.61 9.72 -30.67
N VAL C 166 -31.34 10.35 -31.81
CA VAL C 166 -30.20 11.27 -31.90
C VAL C 166 -30.49 12.55 -31.12
N GLN C 167 -31.67 13.15 -31.32
CA GLN C 167 -32.02 14.35 -30.57
C GLN C 167 -31.91 14.10 -29.07
N PHE C 168 -32.35 12.93 -28.61
CA PHE C 168 -32.23 12.60 -27.20
C PHE C 168 -30.77 12.57 -26.76
N CYS C 169 -29.92 11.94 -27.57
CA CYS C 169 -28.49 11.89 -27.24
C CYS C 169 -27.87 13.29 -27.25
N LYS C 170 -28.13 14.09 -28.28
CA LYS C 170 -27.49 15.40 -28.36
C LYS C 170 -28.04 16.39 -27.35
N ALA C 171 -29.27 16.18 -26.86
CA ALA C 171 -29.89 17.10 -25.93
C ALA C 171 -29.81 16.65 -24.47
N SER C 172 -29.96 15.35 -24.21
CA SER C 172 -30.05 14.87 -22.84
C SER C 172 -28.85 14.05 -22.38
N VAL C 173 -28.10 13.46 -23.29
CA VAL C 173 -26.99 12.59 -22.87
C VAL C 173 -25.67 13.34 -22.91
N GLU C 174 -25.33 13.88 -24.08
CA GLU C 174 -24.03 14.51 -24.28
C GLU C 174 -23.81 15.82 -23.51
N PRO C 175 -24.79 16.74 -23.40
CA PRO C 175 -24.50 18.00 -22.71
C PRO C 175 -24.31 17.83 -21.22
N MET C 176 -23.38 18.63 -20.66
CA MET C 176 -23.22 18.69 -19.21
C MET C 176 -24.42 19.37 -18.58
N GLY C 177 -24.84 18.86 -17.41
CA GLY C 177 -25.94 19.44 -16.69
C GLY C 177 -27.28 18.79 -16.92
N GLU C 178 -27.38 17.87 -17.89
CA GLU C 178 -28.61 17.13 -18.15
C GLU C 178 -28.60 15.85 -17.33
N GLU C 179 -29.41 15.81 -16.27
CA GLU C 179 -29.42 14.67 -15.35
C GLU C 179 -29.87 13.41 -16.06
N SER C 180 -29.46 12.27 -15.51
CA SER C 180 -29.66 10.98 -16.17
C SER C 180 -30.96 10.32 -15.71
N ASP C 181 -31.56 9.57 -16.62
CA ASP C 181 -32.69 8.70 -16.32
C ASP C 181 -32.28 7.25 -16.57
N HIS C 182 -33.26 6.34 -16.52
CA HIS C 182 -32.96 4.92 -16.69
C HIS C 182 -32.40 4.60 -18.06
N VAL C 183 -32.67 5.42 -19.08
CA VAL C 183 -32.08 5.17 -20.39
C VAL C 183 -30.57 5.37 -20.34
N HIS C 184 -30.11 6.44 -19.69
CA HIS C 184 -28.69 6.61 -19.44
C HIS C 184 -28.11 5.39 -18.73
N ILE C 185 -28.73 5.01 -17.60
CA ILE C 185 -28.18 3.97 -16.74
C ILE C 185 -28.12 2.64 -17.48
N ILE C 186 -29.17 2.30 -18.22
CA ILE C 186 -29.15 1.08 -19.03
C ILE C 186 -27.98 1.11 -20.01
N ALA C 187 -27.83 2.22 -20.73
CA ALA C 187 -26.80 2.30 -21.76
C ALA C 187 -25.40 2.22 -21.16
N LEU C 188 -25.14 2.99 -20.10
CA LEU C 188 -23.80 2.99 -19.53
C LEU C 188 -23.44 1.60 -18.98
N SER C 189 -24.31 1.04 -18.14
CA SER C 189 -24.03 -0.27 -17.57
C SER C 189 -23.83 -1.33 -18.64
N ASP C 190 -24.54 -1.19 -19.78
CA ASP C 190 -24.35 -2.11 -20.90
C ASP C 190 -23.01 -1.87 -21.58
N ALA C 191 -22.62 -0.60 -21.74
CA ALA C 191 -21.42 -0.28 -22.50
C ALA C 191 -20.15 -0.67 -21.75
N LEU C 192 -20.13 -0.49 -20.44
CA LEU C 192 -18.96 -0.83 -19.63
C LEU C 192 -19.07 -2.20 -18.97
N GLY C 193 -20.28 -2.76 -18.87
CA GLY C 193 -20.43 -4.09 -18.30
C GLY C 193 -20.34 -4.14 -16.80
N VAL C 194 -20.70 -3.07 -16.11
CA VAL C 194 -20.69 -3.02 -14.65
C VAL C 194 -22.12 -2.88 -14.17
N PRO C 195 -22.58 -3.70 -13.23
CA PRO C 195 -23.95 -3.61 -12.76
C PRO C 195 -24.13 -2.49 -11.76
N ILE C 196 -25.35 -1.93 -11.74
CA ILE C 196 -25.68 -0.81 -10.86
C ILE C 196 -27.03 -1.09 -10.23
N ARG C 197 -27.09 -1.00 -8.90
CA ARG C 197 -28.34 -1.02 -8.17
C ARG C 197 -28.72 0.42 -7.83
N VAL C 198 -29.96 0.79 -8.12
CA VAL C 198 -30.47 2.11 -7.77
C VAL C 198 -31.62 1.92 -6.77
N MET C 199 -31.52 2.59 -5.63
CA MET C 199 -32.60 2.69 -4.67
C MET C 199 -33.40 3.96 -4.96
N TYR C 200 -34.72 3.85 -5.02
CA TYR C 200 -35.59 4.96 -5.38
C TYR C 200 -36.26 5.52 -4.12
N LEU C 201 -35.82 6.70 -3.71
CA LEU C 201 -36.41 7.41 -2.56
C LEU C 201 -37.47 8.35 -3.11
N ASP C 202 -38.71 7.86 -3.19
CA ASP C 202 -39.79 8.63 -3.80
C ASP C 202 -41.09 8.28 -3.08
N ARG C 203 -42.18 8.83 -3.60
CA ARG C 203 -43.52 8.47 -3.19
C ARG C 203 -44.06 7.44 -4.17
N SER C 204 -44.68 6.39 -3.65
CA SER C 204 -45.18 5.32 -4.51
C SER C 204 -46.54 5.66 -5.11
N ASN C 210 -47.98 -1.73 1.69
CA ASN C 210 -47.09 -1.21 2.73
C ASN C 210 -46.02 -0.31 2.12
N ILE C 211 -45.15 0.24 2.96
CA ILE C 211 -44.08 1.12 2.52
C ILE C 211 -42.81 0.30 2.31
N SER C 212 -42.17 0.48 1.16
CA SER C 212 -40.89 -0.17 0.89
C SER C 212 -40.12 0.70 -0.09
N VAL C 213 -38.79 0.58 -0.04
CA VAL C 213 -37.92 1.28 -0.97
C VAL C 213 -37.73 0.37 -2.18
N ASN C 214 -38.32 0.77 -3.31
CA ASN C 214 -38.16 0.00 -4.53
C ASN C 214 -36.73 0.17 -5.06
N HIS C 215 -36.32 -0.75 -5.93
CA HIS C 215 -34.97 -0.76 -6.44
C HIS C 215 -34.96 -1.47 -7.78
N HIS C 216 -33.93 -1.19 -8.57
CA HIS C 216 -33.70 -1.95 -9.78
C HIS C 216 -32.21 -2.18 -9.97
N ASP C 217 -31.85 -3.40 -10.31
CA ASP C 217 -30.47 -3.77 -10.61
C ASP C 217 -30.27 -3.68 -12.12
N PHE C 218 -29.49 -2.70 -12.55
CA PHE C 218 -29.12 -2.54 -13.96
C PHE C 218 -27.85 -3.34 -14.23
N SER C 219 -27.90 -4.29 -15.15
CA SER C 219 -26.73 -5.10 -15.46
C SER C 219 -26.90 -5.68 -16.86
N PRO C 220 -25.81 -5.94 -17.58
CA PRO C 220 -25.92 -6.61 -18.88
C PRO C 220 -26.82 -7.84 -18.85
N GLU C 221 -26.76 -8.61 -17.76
CA GLU C 221 -27.69 -9.73 -17.60
C GLU C 221 -29.13 -9.23 -17.49
N ALA C 222 -29.38 -8.32 -16.55
CA ALA C 222 -30.75 -7.86 -16.29
C ALA C 222 -31.28 -6.97 -17.41
N ASN C 223 -30.40 -6.24 -18.10
CA ASN C 223 -30.85 -5.41 -19.22
C ASN C 223 -31.17 -6.24 -20.45
N SER C 224 -30.91 -7.55 -20.43
CA SER C 224 -31.12 -8.39 -21.58
C SER C 224 -32.59 -8.76 -21.75
N SER C 225 -33.00 -8.91 -23.01
CA SER C 225 -34.37 -9.32 -23.33
C SER C 225 -34.44 -10.81 -23.64
N ALA C 231 -26.18 -12.80 -11.70
CA ALA C 231 -24.96 -12.90 -10.91
C ALA C 231 -25.23 -12.61 -9.44
N GLU C 232 -24.33 -11.85 -8.82
CA GLU C 232 -24.54 -11.35 -7.47
C GLU C 232 -25.12 -9.94 -7.53
N LYS C 233 -25.52 -9.43 -6.37
CA LYS C 233 -25.98 -8.06 -6.31
C LYS C 233 -24.88 -7.11 -6.76
N PRO C 234 -25.23 -5.96 -7.30
CA PRO C 234 -24.21 -5.01 -7.77
C PRO C 234 -23.33 -4.54 -6.63
N TYR C 235 -22.07 -4.25 -6.95
CA TYR C 235 -21.17 -3.65 -5.98
C TYR C 235 -21.22 -2.13 -6.01
N ILE C 236 -22.11 -1.55 -6.81
CA ILE C 236 -22.39 -0.12 -6.81
C ILE C 236 -23.88 0.05 -6.54
N THR C 237 -24.20 0.77 -5.47
CA THR C 237 -25.59 1.05 -5.10
C THR C 237 -25.74 2.56 -5.00
N LEU C 238 -26.67 3.11 -5.80
CA LEU C 238 -26.95 4.55 -5.82
C LEU C 238 -28.34 4.82 -5.26
N LEU C 239 -28.51 6.01 -4.70
CA LEU C 239 -29.79 6.45 -4.17
C LEU C 239 -30.31 7.59 -5.02
N TYR C 240 -31.50 7.40 -5.59
CA TYR C 240 -32.10 8.38 -6.49
C TYR C 240 -33.19 9.17 -5.78
N ARG C 241 -33.13 10.48 -5.93
CA ARG C 241 -34.20 11.43 -5.68
C ARG C 241 -34.29 12.30 -6.91
N PRO C 242 -35.44 12.96 -7.15
CA PRO C 242 -35.51 13.93 -8.24
C PRO C 242 -34.34 14.91 -8.18
N GLY C 243 -33.54 14.96 -9.25
CA GLY C 243 -32.38 15.82 -9.27
C GLY C 243 -31.18 15.34 -8.47
N HIS C 244 -31.19 14.10 -7.96
CA HIS C 244 -30.11 13.64 -7.09
C HIS C 244 -29.78 12.19 -7.33
N TYR C 245 -28.48 11.90 -7.41
CA TYR C 245 -27.97 10.53 -7.32
C TYR C 245 -26.84 10.55 -6.30
N ASP C 246 -27.00 9.82 -5.22
CA ASP C 246 -25.97 9.72 -4.19
C ASP C 246 -25.50 8.27 -4.08
N ILE C 247 -24.39 8.06 -3.38
CA ILE C 247 -23.78 6.74 -3.26
C ILE C 247 -24.18 6.13 -1.92
N LEU C 248 -24.63 4.89 -1.94
CA LEU C 248 -25.04 4.17 -0.73
C LEU C 248 -24.01 3.12 -0.37
N TYR C 249 -23.78 2.92 0.92
CA TYR C 249 -22.81 1.94 1.39
C TYR C 249 -23.49 0.84 2.19
N PRO C 250 -23.50 -0.40 1.70
CA PRO C 250 -24.20 -1.47 2.42
C PRO C 250 -23.54 -1.80 3.75
N LYS C 251 -24.36 -2.32 4.66
CA LYS C 251 -23.87 -2.70 5.98
C LYS C 251 -22.98 -3.93 5.91
N LEU D 2 28.05 -6.70 -40.78
CA LEU D 2 27.77 -5.28 -40.97
C LEU D 2 26.69 -4.67 -40.04
N PRO D 3 25.56 -5.34 -39.80
CA PRO D 3 24.49 -4.70 -39.04
C PRO D 3 24.85 -4.56 -37.57
N TYR D 4 24.11 -3.70 -36.88
CA TYR D 4 24.35 -3.50 -35.45
C TYR D 4 24.29 -4.81 -34.69
N VAL D 5 23.26 -5.62 -34.96
CA VAL D 5 23.09 -6.93 -34.38
C VAL D 5 23.01 -7.94 -35.51
N GLY D 6 23.82 -9.00 -35.42
CA GLY D 6 23.90 -9.98 -36.47
C GLY D 6 22.81 -11.03 -36.39
N ASP D 7 22.80 -11.90 -37.39
CA ASP D 7 21.94 -13.06 -37.34
C ASP D 7 22.53 -14.11 -36.42
N LYS D 8 21.69 -15.05 -36.02
CA LYS D 8 22.17 -16.19 -35.24
C LYS D 8 23.07 -17.05 -36.12
N GLU D 9 24.30 -17.28 -35.66
CA GLU D 9 25.26 -18.11 -36.37
C GLU D 9 25.71 -19.26 -35.50
N PRO D 10 26.09 -20.40 -36.08
CA PRO D 10 26.66 -21.48 -35.28
C PRO D 10 28.06 -21.12 -34.80
N LEU D 11 28.48 -21.78 -33.72
CA LEU D 11 29.81 -21.54 -33.18
C LEU D 11 30.91 -21.89 -34.16
N SER D 12 30.58 -22.68 -35.20
CA SER D 12 31.57 -23.03 -36.21
C SER D 12 32.07 -21.80 -36.97
N THR D 13 31.24 -20.77 -37.11
CA THR D 13 31.70 -19.57 -37.81
C THR D 13 32.80 -18.87 -37.02
N LEU D 14 32.73 -18.91 -35.69
CA LEU D 14 33.79 -18.34 -34.86
C LEU D 14 35.04 -19.21 -34.91
N ALA D 15 34.87 -20.54 -34.95
CA ALA D 15 36.03 -21.41 -35.06
C ALA D 15 36.76 -21.19 -36.38
N ALA D 16 36.01 -21.05 -37.47
CA ALA D 16 36.64 -20.80 -38.76
C ALA D 16 37.35 -19.45 -38.77
N GLU D 17 36.74 -18.44 -38.16
CA GLU D 17 37.34 -17.12 -38.11
C GLU D 17 38.70 -17.15 -37.43
N PHE D 18 38.88 -18.05 -36.45
CA PHE D 18 40.14 -18.13 -35.73
C PHE D 18 40.92 -19.39 -36.07
N GLN D 19 40.57 -20.07 -37.15
CA GLN D 19 41.57 -20.87 -37.83
C GLN D 19 42.68 -19.91 -38.25
N SER D 20 43.93 -20.35 -38.08
CA SER D 20 45.15 -19.56 -38.23
C SER D 20 45.39 -18.66 -37.02
N GLY D 21 44.48 -18.59 -36.06
CA GLY D 21 44.73 -17.91 -34.81
C GLY D 21 45.56 -18.75 -33.86
N SER D 22 45.82 -18.19 -32.69
CA SER D 22 46.66 -18.90 -31.72
C SER D 22 45.95 -20.16 -31.26
N PRO D 23 46.68 -21.27 -31.08
CA PRO D 23 46.04 -22.52 -30.68
C PRO D 23 45.27 -22.42 -29.38
N ILE D 24 45.69 -21.54 -28.46
CA ILE D 24 44.97 -21.39 -27.20
C ILE D 24 43.56 -20.86 -27.44
N LEU D 25 43.43 -19.83 -28.28
CA LEU D 25 42.10 -19.31 -28.60
C LEU D 25 41.26 -20.37 -29.31
N GLN D 26 41.88 -21.14 -30.20
CA GLN D 26 41.16 -22.19 -30.91
C GLN D 26 40.65 -23.25 -29.96
N GLU D 27 41.46 -23.62 -28.96
CA GLU D 27 41.03 -24.60 -27.98
C GLU D 27 39.88 -24.06 -27.13
N LYS D 28 39.93 -22.77 -26.78
CA LYS D 28 38.85 -22.17 -26.00
C LYS D 28 37.57 -22.07 -26.81
N ILE D 29 37.68 -21.76 -28.10
CA ILE D 29 36.49 -21.71 -28.95
C ILE D 29 35.84 -23.08 -29.04
N LYS D 30 36.66 -24.14 -29.12
CA LYS D 30 36.12 -25.49 -29.12
C LYS D 30 35.38 -25.80 -27.82
N LEU D 31 36.00 -25.51 -26.68
CA LEU D 31 35.32 -25.68 -25.39
C LEU D 31 34.02 -24.89 -25.34
N LEU D 32 34.03 -23.68 -25.90
CA LEU D 32 32.82 -22.88 -25.97
C LEU D 32 31.70 -23.61 -26.70
N GLY D 33 32.04 -24.25 -27.82
CA GLY D 33 31.06 -24.97 -28.63
C GLY D 33 30.45 -26.17 -27.94
N GLU D 34 31.04 -26.63 -26.83
CA GLU D 34 30.46 -27.75 -26.10
C GLU D 34 29.23 -27.33 -25.31
N GLN D 35 29.19 -26.10 -24.80
CA GLN D 35 28.06 -25.60 -24.03
C GLN D 35 27.18 -24.63 -24.80
N TYR D 36 27.63 -24.13 -25.95
CA TYR D 36 26.93 -23.08 -26.66
C TYR D 36 26.59 -23.51 -28.08
N ASP D 37 25.34 -23.28 -28.47
CA ASP D 37 24.86 -23.62 -29.80
C ASP D 37 25.19 -22.54 -30.82
N ALA D 38 24.94 -21.28 -30.49
CA ALA D 38 24.96 -20.21 -31.47
C ALA D 38 25.61 -18.98 -30.90
N LEU D 39 25.99 -18.09 -31.81
CA LEU D 39 26.59 -16.80 -31.49
C LEU D 39 25.87 -15.75 -32.31
N ARG D 40 25.66 -14.58 -31.72
CA ARG D 40 25.10 -13.42 -32.42
C ARG D 40 26.09 -12.27 -32.27
N ARG D 41 26.67 -11.84 -33.38
CA ARG D 41 27.68 -10.79 -33.33
C ARG D 41 27.03 -9.42 -33.32
N THR D 42 27.72 -8.46 -32.70
CA THR D 42 27.35 -7.06 -32.79
C THR D 42 28.45 -6.30 -33.52
N ARG D 43 28.05 -5.27 -34.26
CA ARG D 43 29.02 -4.44 -34.96
C ARG D 43 30.04 -3.86 -33.99
N GLY D 44 31.33 -4.01 -34.34
CA GLY D 44 32.38 -3.55 -33.47
C GLY D 44 32.63 -2.06 -33.57
N ASP D 45 31.74 -1.25 -33.02
CA ASP D 45 31.84 0.21 -33.13
C ASP D 45 32.09 0.88 -31.79
N GLY D 46 32.49 0.13 -30.77
CA GLY D 46 32.68 0.70 -29.45
C GLY D 46 31.43 0.76 -28.59
N ASN D 47 30.32 0.15 -29.03
CA ASN D 47 29.09 0.08 -28.26
C ASN D 47 28.64 -1.36 -28.02
N CYS D 48 29.56 -2.32 -28.15
CA CYS D 48 29.16 -3.72 -28.27
C CYS D 48 28.50 -4.25 -27.01
N PHE D 49 29.07 -3.95 -25.83
CA PHE D 49 28.44 -4.44 -24.61
C PHE D 49 27.01 -3.96 -24.52
N TYR D 50 26.78 -2.65 -24.71
CA TYR D 50 25.44 -2.12 -24.61
C TYR D 50 24.55 -2.63 -25.75
N ARG D 51 25.10 -2.75 -26.96
CA ARG D 51 24.31 -3.25 -28.08
C ARG D 51 23.94 -4.71 -27.87
N SER D 52 24.90 -5.52 -27.45
CA SER D 52 24.60 -6.94 -27.22
C SER D 52 23.66 -7.11 -26.04
N PHE D 53 23.82 -6.30 -24.99
CA PHE D 53 22.91 -6.39 -23.85
C PHE D 53 21.50 -5.98 -24.24
N MET D 54 21.35 -4.91 -25.02
CA MET D 54 20.04 -4.45 -25.43
C MET D 54 19.25 -5.55 -26.12
N PHE D 55 19.85 -6.19 -27.13
CA PHE D 55 19.11 -7.22 -27.85
C PHE D 55 18.89 -8.45 -26.99
N SER D 56 19.94 -8.88 -26.28
CA SER D 56 19.83 -10.06 -25.42
C SER D 56 18.69 -9.91 -24.42
N TYR D 57 18.57 -8.75 -23.77
CA TYR D 57 17.53 -8.57 -22.78
C TYR D 57 16.15 -8.52 -23.42
N LEU D 58 16.02 -7.70 -24.48
CA LEU D 58 14.71 -7.55 -25.11
C LEU D 58 14.24 -8.85 -25.74
N GLU D 59 15.17 -9.61 -26.33
CA GLU D 59 14.82 -10.91 -26.89
C GLU D 59 14.41 -11.88 -25.79
N HIS D 60 15.08 -11.81 -24.64
CA HIS D 60 14.72 -12.69 -23.53
C HIS D 60 13.30 -12.41 -23.04
N ILE D 61 12.92 -11.14 -22.98
CA ILE D 61 11.56 -10.80 -22.56
C ILE D 61 10.56 -11.24 -23.63
N LEU D 62 10.91 -11.04 -24.91
CA LEU D 62 10.00 -11.43 -25.99
C LEU D 62 9.72 -12.93 -25.97
N GLU D 63 10.75 -13.74 -25.71
CA GLU D 63 10.58 -15.19 -25.77
C GLU D 63 9.88 -15.72 -24.53
N THR D 64 10.22 -15.21 -23.33
CA THR D 64 9.64 -15.70 -22.10
C THR D 64 8.38 -14.96 -21.67
N GLN D 65 8.14 -13.76 -22.23
CA GLN D 65 6.95 -12.96 -21.90
C GLN D 65 6.83 -12.75 -20.39
N ASP D 66 7.95 -12.44 -19.76
CA ASP D 66 8.02 -12.31 -18.31
C ASP D 66 7.47 -10.95 -17.89
N LYS D 67 6.17 -10.91 -17.61
CA LYS D 67 5.54 -9.64 -17.22
C LYS D 67 6.06 -9.14 -15.89
N ALA D 68 6.34 -10.05 -14.95
CA ALA D 68 6.83 -9.65 -13.64
C ALA D 68 8.22 -9.03 -13.72
N GLU D 69 9.10 -9.60 -14.55
CA GLU D 69 10.44 -9.04 -14.69
C GLU D 69 10.40 -7.65 -15.32
N VAL D 70 9.51 -7.45 -16.30
CA VAL D 70 9.37 -6.12 -16.91
C VAL D 70 8.94 -5.10 -15.86
N GLU D 71 7.93 -5.45 -15.06
CA GLU D 71 7.51 -4.55 -13.99
C GLU D 71 8.64 -4.29 -13.01
N ARG D 72 9.54 -5.26 -12.83
CA ARG D 72 10.65 -5.10 -11.89
C ARG D 72 11.67 -4.08 -12.40
N ILE D 73 12.12 -4.20 -13.65
CA ILE D 73 13.10 -3.23 -14.15
C ILE D 73 12.48 -1.86 -14.31
N LEU D 74 11.20 -1.78 -14.62
CA LEU D 74 10.55 -0.48 -14.69
C LEU D 74 10.60 0.24 -13.36
N LYS D 75 10.54 -0.49 -12.24
CA LYS D 75 10.76 0.14 -10.94
C LYS D 75 12.21 0.60 -10.81
N LYS D 76 13.16 -0.21 -11.28
CA LYS D 76 14.56 0.18 -11.21
C LYS D 76 14.88 1.33 -12.16
N ILE D 77 14.23 1.36 -13.32
CA ILE D 77 14.49 2.42 -14.29
C ILE D 77 14.04 3.77 -13.74
N GLU D 78 12.89 3.81 -13.06
CA GLU D 78 12.47 5.03 -12.40
C GLU D 78 13.47 5.44 -11.33
N GLN D 79 14.07 4.46 -10.65
CA GLN D 79 15.10 4.75 -9.67
C GLN D 79 16.34 5.35 -10.33
N CYS D 80 16.73 4.82 -11.49
CA CYS D 80 17.85 5.41 -12.24
C CYS D 80 17.55 6.83 -12.65
N LYS D 81 16.29 7.10 -13.05
CA LYS D 81 15.91 8.45 -13.44
C LYS D 81 16.08 9.40 -12.27
N LYS D 82 15.70 8.98 -11.06
CA LYS D 82 15.89 9.83 -9.90
C LYS D 82 17.36 9.93 -9.53
N THR D 83 18.13 8.85 -9.73
CA THR D 83 19.58 8.92 -9.55
C THR D 83 20.18 10.01 -10.42
N LEU D 84 19.85 10.02 -11.71
CA LEU D 84 20.36 11.05 -12.61
C LEU D 84 19.94 12.44 -12.16
N ALA D 85 18.67 12.61 -11.78
CA ALA D 85 18.20 13.92 -11.33
C ALA D 85 18.99 14.40 -10.12
N ASP D 86 19.24 13.52 -9.15
CA ASP D 86 19.98 13.92 -7.95
C ASP D 86 21.40 14.36 -8.26
N LEU D 87 21.97 13.89 -9.37
CA LEU D 87 23.31 14.25 -9.79
C LEU D 87 23.35 15.54 -10.61
N GLY D 88 22.20 16.18 -10.82
CA GLY D 88 22.16 17.40 -11.58
C GLY D 88 22.00 17.24 -13.09
N TYR D 89 21.69 16.05 -13.57
CA TYR D 89 21.41 15.89 -15.00
C TYR D 89 20.04 16.47 -15.32
N ILE D 90 19.95 17.15 -16.46
CA ILE D 90 18.74 17.87 -16.84
C ILE D 90 17.80 16.91 -17.56
N GLU D 91 16.53 16.92 -17.14
CA GLU D 91 15.59 15.88 -17.57
C GLU D 91 15.47 15.81 -19.08
N PHE D 92 15.27 16.96 -19.74
CA PHE D 92 15.09 16.91 -21.19
C PHE D 92 16.32 16.41 -21.91
N THR D 93 17.45 16.32 -21.24
CA THR D 93 18.69 15.86 -21.83
C THR D 93 18.73 14.33 -21.96
N PHE D 94 17.98 13.61 -21.12
CA PHE D 94 17.98 12.15 -21.18
C PHE D 94 16.59 11.53 -21.33
N GLU D 95 15.51 12.34 -21.28
CA GLU D 95 14.16 11.78 -21.20
C GLU D 95 13.83 10.92 -22.41
N ASP D 96 14.31 11.30 -23.60
CA ASP D 96 14.01 10.53 -24.80
C ASP D 96 14.65 9.15 -24.76
N PHE D 97 15.86 9.05 -24.22
CA PHE D 97 16.50 7.75 -24.12
C PHE D 97 15.70 6.82 -23.21
N PHE D 98 15.20 7.35 -22.09
CA PHE D 98 14.31 6.57 -21.24
C PHE D 98 13.05 6.16 -21.99
N SER D 99 12.46 7.10 -22.73
CA SER D 99 11.19 6.83 -23.40
C SER D 99 11.33 5.74 -24.46
N ILE D 100 12.41 5.80 -25.26
CA ILE D 100 12.54 4.87 -26.36
C ILE D 100 12.79 3.45 -25.86
N PHE D 101 13.56 3.29 -24.78
CA PHE D 101 13.80 1.94 -24.29
C PHE D 101 12.56 1.34 -23.65
N ILE D 102 11.86 2.12 -22.82
CA ILE D 102 10.61 1.63 -22.22
C ILE D 102 9.63 1.27 -23.32
N ASP D 103 9.63 2.01 -24.42
CA ASP D 103 8.80 1.65 -25.57
C ASP D 103 9.13 0.25 -26.09
N GLN D 104 10.42 -0.03 -26.31
CA GLN D 104 10.83 -1.34 -26.78
C GLN D 104 10.41 -2.42 -25.81
N LEU D 105 10.58 -2.15 -24.51
CA LEU D 105 10.21 -3.09 -23.47
C LEU D 105 8.74 -3.47 -23.55
N GLU D 106 7.88 -2.46 -23.68
CA GLU D 106 6.45 -2.70 -23.75
C GLU D 106 6.04 -3.26 -25.10
N SER D 107 6.75 -2.87 -26.17
CA SER D 107 6.43 -3.40 -27.49
C SER D 107 6.68 -4.89 -27.57
N VAL D 108 7.60 -5.40 -26.76
CA VAL D 108 8.01 -6.79 -26.86
C VAL D 108 7.05 -7.73 -26.12
N LEU D 109 6.20 -7.19 -25.23
CA LEU D 109 5.15 -7.98 -24.60
C LEU D 109 3.96 -8.11 -25.56
N GLN D 110 3.44 -9.32 -25.71
CA GLN D 110 2.34 -9.54 -26.62
C GLN D 110 1.00 -9.23 -25.95
N GLY D 111 0.01 -8.92 -26.77
CA GLY D 111 -1.36 -8.74 -26.30
C GLY D 111 -1.97 -7.39 -26.59
N HIS D 112 -1.24 -6.46 -27.19
CA HIS D 112 -1.77 -5.14 -27.51
C HIS D 112 -1.40 -4.79 -28.95
N GLU D 113 -1.95 -3.67 -29.42
CA GLU D 113 -1.74 -3.25 -30.80
C GLU D 113 -0.33 -2.76 -31.06
N SER D 114 0.46 -2.52 -30.02
CA SER D 114 1.85 -2.12 -30.16
C SER D 114 2.81 -3.30 -30.13
N SER D 115 2.31 -4.51 -29.90
CA SER D 115 3.15 -5.67 -29.69
C SER D 115 4.04 -5.93 -30.91
N ILE D 116 5.18 -6.57 -30.67
CA ILE D 116 6.23 -6.67 -31.66
C ILE D 116 6.70 -8.12 -31.71
N GLY D 117 7.08 -8.57 -32.90
CA GLY D 117 7.63 -9.90 -33.08
C GLY D 117 9.16 -9.87 -33.18
N ALA D 118 9.72 -11.08 -33.31
CA ALA D 118 11.17 -11.22 -33.30
C ALA D 118 11.82 -10.50 -34.48
N GLU D 119 11.20 -10.57 -35.65
CA GLU D 119 11.80 -9.97 -36.84
C GLU D 119 11.83 -8.45 -36.73
N GLU D 120 10.77 -7.85 -36.21
CA GLU D 120 10.74 -6.40 -36.06
C GLU D 120 11.58 -5.92 -34.88
N LEU D 121 11.68 -6.73 -33.83
CA LEU D 121 12.63 -6.42 -32.76
C LEU D 121 14.05 -6.30 -33.33
N LEU D 122 14.44 -7.29 -34.15
CA LEU D 122 15.77 -7.26 -34.74
C LEU D 122 15.94 -6.05 -35.65
N GLU D 123 14.88 -5.66 -36.38
CA GLU D 123 15.00 -4.50 -37.26
C GLU D 123 15.13 -3.21 -36.46
N ARG D 124 14.46 -3.13 -35.30
CA ARG D 124 14.61 -1.93 -34.47
C ARG D 124 16.02 -1.83 -33.91
N THR D 125 16.59 -2.94 -33.47
CA THR D 125 17.96 -2.92 -32.98
C THR D 125 18.97 -2.68 -34.10
N ARG D 126 18.55 -2.75 -35.36
CA ARG D 126 19.39 -2.41 -36.49
C ARG D 126 19.14 -1.01 -37.01
N ASP D 127 18.12 -0.33 -36.51
CA ASP D 127 17.83 1.04 -36.91
C ASP D 127 18.68 1.99 -36.08
N GLN D 128 19.47 2.81 -36.75
CA GLN D 128 20.37 3.73 -36.07
C GLN D 128 19.65 4.57 -35.02
N MET D 129 18.46 5.09 -35.37
CA MET D 129 17.74 5.97 -34.44
C MET D 129 17.35 5.24 -33.16
N VAL D 130 16.66 4.11 -33.29
CA VAL D 130 16.22 3.39 -32.09
C VAL D 130 17.40 2.81 -31.33
N SER D 131 18.33 2.18 -32.05
CA SER D 131 19.38 1.39 -31.40
C SER D 131 20.32 2.28 -30.59
N ASP D 132 20.78 3.39 -31.19
CA ASP D 132 21.72 4.28 -30.51
C ASP D 132 21.07 5.00 -29.34
N TYR D 133 19.77 5.30 -29.43
CA TYR D 133 19.09 5.91 -28.29
C TYR D 133 18.98 4.92 -27.14
N VAL D 134 18.79 3.63 -27.42
CA VAL D 134 18.78 2.65 -26.34
C VAL D 134 20.19 2.48 -25.76
N VAL D 135 21.23 2.50 -26.61
CA VAL D 135 22.60 2.44 -26.11
C VAL D 135 22.89 3.65 -25.22
N MET D 136 22.49 4.84 -25.66
CA MET D 136 22.66 6.04 -24.86
C MET D 136 21.95 5.90 -23.52
N PHE D 137 20.77 5.28 -23.51
CA PHE D 137 20.04 5.09 -22.27
C PHE D 137 20.86 4.27 -21.28
N PHE D 138 21.43 3.15 -21.73
CA PHE D 138 22.27 2.34 -20.84
C PHE D 138 23.51 3.12 -20.40
N ARG D 139 24.07 3.94 -21.30
CA ARG D 139 25.22 4.74 -20.95
C ARG D 139 24.89 5.75 -19.86
N PHE D 140 23.75 6.43 -19.97
CA PHE D 140 23.31 7.34 -18.92
C PHE D 140 23.06 6.60 -17.62
N VAL D 141 22.34 5.47 -17.70
CA VAL D 141 22.03 4.69 -16.51
C VAL D 141 23.30 4.21 -15.83
N THR D 142 24.29 3.80 -16.62
CA THR D 142 25.55 3.33 -16.08
C THR D 142 26.35 4.46 -15.44
N SER D 143 26.43 5.60 -16.14
CA SER D 143 27.18 6.74 -15.61
C SER D 143 26.59 7.24 -14.30
N GLY D 144 25.26 7.33 -14.21
CA GLY D 144 24.65 7.76 -12.97
C GLY D 144 24.89 6.80 -11.83
N GLU D 145 24.83 5.50 -12.13
CA GLU D 145 25.05 4.51 -11.07
C GLU D 145 26.49 4.57 -10.55
N ILE D 146 27.45 4.81 -11.43
CA ILE D 146 28.85 4.92 -10.99
C ILE D 146 29.02 6.15 -10.12
N GLN D 147 28.44 7.28 -10.52
CA GLN D 147 28.58 8.51 -9.75
C GLN D 147 27.79 8.45 -8.45
N ARG D 148 26.63 7.78 -8.46
CA ARG D 148 25.89 7.60 -7.21
C ARG D 148 26.75 6.89 -6.17
N ARG D 149 27.60 5.96 -6.59
CA ARG D 149 28.50 5.26 -5.70
C ARG D 149 29.96 5.61 -6.01
N ALA D 150 30.25 6.90 -6.11
CA ALA D 150 31.59 7.33 -6.51
C ALA D 150 32.65 6.89 -5.51
N GLU D 151 32.35 6.93 -4.21
CA GLU D 151 33.34 6.52 -3.22
C GLU D 151 33.72 5.06 -3.39
N PHE D 152 32.74 4.21 -3.68
CA PHE D 152 33.01 2.79 -3.86
C PHE D 152 33.86 2.56 -5.11
N PHE D 153 33.52 3.21 -6.22
CA PHE D 153 34.21 2.96 -7.48
C PHE D 153 35.55 3.67 -7.58
N GLU D 154 35.75 4.77 -6.84
CA GLU D 154 36.91 5.65 -6.95
C GLU D 154 38.24 4.89 -6.99
N PRO D 155 38.58 4.08 -5.98
CA PRO D 155 39.93 3.46 -6.00
C PRO D 155 40.12 2.51 -7.16
N PHE D 156 39.06 1.85 -7.62
CA PHE D 156 39.21 0.96 -8.77
C PHE D 156 39.42 1.76 -10.05
N ILE D 157 38.64 2.83 -10.24
CA ILE D 157 38.82 3.68 -11.42
C ILE D 157 40.19 4.35 -11.40
N SER D 158 40.66 4.81 -10.23
CA SER D 158 42.01 5.37 -10.15
C SER D 158 43.06 4.34 -10.53
N GLY D 159 43.01 3.15 -9.92
CA GLY D 159 44.02 2.15 -10.19
C GLY D 159 44.01 1.66 -11.63
N LEU D 160 42.84 1.70 -12.27
CA LEU D 160 42.67 1.22 -13.64
C LEU D 160 43.03 2.27 -14.69
N THR D 161 42.62 3.52 -14.48
CA THR D 161 42.72 4.53 -15.53
C THR D 161 43.38 5.84 -15.10
N ASN D 162 43.75 5.98 -13.82
CA ASN D 162 44.44 7.18 -13.32
C ASN D 162 43.60 8.45 -13.55
N SER D 163 42.29 8.31 -13.42
CA SER D 163 41.38 9.45 -13.54
C SER D 163 40.37 9.42 -12.41
N THR D 164 39.68 10.55 -12.23
CA THR D 164 38.61 10.62 -11.25
C THR D 164 37.38 9.88 -11.73
N VAL D 165 36.43 9.70 -10.82
CA VAL D 165 35.18 9.04 -11.17
C VAL D 165 34.45 9.81 -12.26
N VAL D 166 34.33 11.13 -12.11
CA VAL D 166 33.59 11.90 -13.11
C VAL D 166 34.33 11.93 -14.44
N GLN D 167 35.65 12.05 -14.41
CA GLN D 167 36.41 12.03 -15.66
C GLN D 167 36.20 10.72 -16.41
N PHE D 168 36.16 9.60 -15.66
CA PHE D 168 35.93 8.29 -16.26
C PHE D 168 34.54 8.23 -16.89
N CYS D 169 33.53 8.73 -16.20
CA CYS D 169 32.17 8.69 -16.73
C CYS D 169 32.04 9.59 -17.96
N LYS D 170 32.70 10.75 -17.94
CA LYS D 170 32.56 11.68 -19.05
C LYS D 170 33.34 11.23 -20.27
N ALA D 171 34.46 10.53 -20.07
CA ALA D 171 35.30 10.12 -21.19
C ALA D 171 35.01 8.70 -21.66
N SER D 172 34.58 7.81 -20.78
CA SER D 172 34.55 6.39 -21.12
C SER D 172 33.18 5.76 -21.04
N VAL D 173 32.22 6.35 -20.34
CA VAL D 173 30.90 5.77 -20.17
C VAL D 173 29.85 6.49 -21.03
N GLU D 174 29.80 7.81 -20.93
CA GLU D 174 28.77 8.60 -21.59
C GLU D 174 28.91 8.71 -23.10
N PRO D 175 30.11 8.82 -23.69
CA PRO D 175 30.19 9.00 -25.14
C PRO D 175 29.97 7.70 -25.90
N MET D 176 29.25 7.80 -27.01
CA MET D 176 29.16 6.70 -27.96
C MET D 176 30.55 6.34 -28.47
N GLY D 177 30.75 5.04 -28.71
CA GLY D 177 32.00 4.54 -29.24
C GLY D 177 33.08 4.23 -28.23
N GLU D 178 32.79 4.35 -26.93
CA GLU D 178 33.76 4.00 -25.88
C GLU D 178 33.37 2.65 -25.30
N GLU D 179 34.12 1.62 -25.64
CA GLU D 179 33.76 0.25 -25.28
C GLU D 179 33.77 0.05 -23.77
N SER D 180 32.93 -0.87 -23.31
CA SER D 180 32.74 -1.10 -21.89
C SER D 180 33.81 -2.05 -21.35
N ASP D 181 34.17 -1.84 -20.09
CA ASP D 181 34.99 -2.77 -19.30
C ASP D 181 34.16 -3.27 -18.11
N HIS D 182 34.81 -3.94 -17.17
CA HIS D 182 34.07 -4.51 -16.05
C HIS D 182 33.36 -3.45 -15.21
N VAL D 183 33.90 -2.22 -15.17
CA VAL D 183 33.24 -1.17 -14.39
C VAL D 183 31.87 -0.82 -14.98
N HIS D 184 31.77 -0.71 -16.31
CA HIS D 184 30.46 -0.52 -16.94
C HIS D 184 29.52 -1.65 -16.60
N ILE D 185 30.03 -2.89 -16.64
CA ILE D 185 29.18 -4.06 -16.50
C ILE D 185 28.68 -4.20 -15.08
N ILE D 186 29.57 -4.02 -14.10
CA ILE D 186 29.14 -4.00 -12.71
C ILE D 186 28.04 -2.96 -12.52
N ALA D 187 28.27 -1.75 -13.04
CA ALA D 187 27.34 -0.65 -12.79
C ALA D 187 26.00 -0.87 -13.47
N LEU D 188 26.02 -1.31 -14.75
CA LEU D 188 24.75 -1.52 -15.45
C LEU D 188 23.95 -2.65 -14.80
N SER D 189 24.59 -3.78 -14.51
CA SER D 189 23.84 -4.89 -13.92
C SER D 189 23.34 -4.55 -12.51
N ASP D 190 24.07 -3.70 -11.78
CA ASP D 190 23.58 -3.24 -10.49
C ASP D 190 22.39 -2.29 -10.66
N ALA D 191 22.48 -1.38 -11.62
CA ALA D 191 21.45 -0.35 -11.77
C ALA D 191 20.12 -0.96 -12.20
N LEU D 192 20.15 -1.93 -13.11
CA LEU D 192 18.93 -2.53 -13.63
C LEU D 192 18.57 -3.84 -12.94
N GLY D 193 19.47 -4.39 -12.13
CA GLY D 193 19.21 -5.64 -11.45
C GLY D 193 19.01 -6.83 -12.36
N VAL D 194 19.77 -6.94 -13.44
CA VAL D 194 19.73 -8.10 -14.32
C VAL D 194 21.13 -8.71 -14.37
N PRO D 195 21.29 -9.98 -14.04
CA PRO D 195 22.61 -10.61 -14.07
C PRO D 195 23.11 -10.86 -15.48
N ILE D 196 24.44 -10.84 -15.62
CA ILE D 196 25.12 -11.00 -16.90
C ILE D 196 26.30 -11.93 -16.70
N ARG D 197 26.34 -13.01 -17.47
CA ARG D 197 27.53 -13.84 -17.57
C ARG D 197 28.38 -13.35 -18.74
N VAL D 198 29.66 -13.18 -18.51
CA VAL D 198 30.59 -12.84 -19.58
C VAL D 198 31.61 -13.97 -19.68
N MET D 199 31.75 -14.53 -20.88
CA MET D 199 32.78 -15.53 -21.17
C MET D 199 33.98 -14.81 -21.77
N TYR D 200 35.16 -15.11 -21.27
CA TYR D 200 36.37 -14.37 -21.64
C TYR D 200 37.19 -15.18 -22.62
N LEU D 201 37.19 -14.73 -23.88
CA LEU D 201 37.99 -15.33 -24.94
C LEU D 201 39.33 -14.63 -25.12
N ASP D 202 39.90 -14.09 -24.04
CA ASP D 202 41.22 -13.48 -24.12
C ASP D 202 42.25 -14.50 -23.63
N ARG D 203 43.47 -14.02 -23.38
CA ARG D 203 44.58 -14.88 -23.00
C ARG D 203 44.82 -14.83 -21.50
N SER D 204 45.14 -15.99 -20.92
CA SER D 204 45.38 -16.10 -19.48
C SER D 204 46.86 -15.92 -19.15
N ILE D 211 42.25 -23.66 -23.21
CA ILE D 211 42.52 -24.55 -22.09
C ILE D 211 41.38 -24.48 -21.06
N SER D 212 40.76 -23.30 -20.94
CA SER D 212 39.57 -23.10 -20.12
C SER D 212 39.00 -21.71 -20.37
N VAL D 213 37.71 -21.63 -20.68
CA VAL D 213 37.07 -20.33 -20.87
C VAL D 213 36.70 -19.79 -19.50
N ASN D 214 37.43 -18.78 -19.04
CA ASN D 214 37.05 -18.09 -17.82
C ASN D 214 35.72 -17.37 -18.01
N HIS D 215 34.98 -17.24 -16.91
CA HIS D 215 33.74 -16.50 -16.92
C HIS D 215 33.58 -15.77 -15.60
N HIS D 216 32.78 -14.71 -15.62
CA HIS D 216 32.34 -14.07 -14.40
C HIS D 216 30.86 -13.73 -14.52
N ASP D 217 30.14 -13.97 -13.43
CA ASP D 217 28.71 -13.66 -13.36
C ASP D 217 28.55 -12.31 -12.66
N PHE D 218 28.06 -11.32 -13.39
CA PHE D 218 27.78 -10.01 -12.82
C PHE D 218 26.32 -9.97 -12.39
N SER D 219 26.07 -9.68 -11.11
CA SER D 219 24.71 -9.62 -10.60
C SER D 219 24.71 -8.80 -9.32
N PRO D 220 23.58 -8.20 -8.95
CA PRO D 220 23.50 -7.48 -7.68
C PRO D 220 23.98 -8.29 -6.48
N GLU D 221 23.74 -9.60 -6.49
CA GLU D 221 24.26 -10.46 -5.43
C GLU D 221 25.76 -10.67 -5.57
N ALA D 222 26.23 -10.96 -6.79
CA ALA D 222 27.65 -11.23 -6.99
C ALA D 222 28.49 -9.95 -6.91
N ASN D 223 27.95 -8.83 -7.39
CA ASN D 223 28.70 -7.57 -7.29
C ASN D 223 28.71 -7.02 -5.88
N SER D 224 27.99 -7.64 -4.95
CA SER D 224 27.94 -7.14 -3.58
C SER D 224 29.26 -7.40 -2.88
N SER D 225 29.72 -6.40 -2.12
CA SER D 225 30.95 -6.49 -1.34
C SER D 225 30.80 -7.33 -0.07
N ASP D 226 29.67 -8.01 0.13
CA ASP D 226 29.43 -8.82 1.32
C ASP D 226 29.53 -10.31 1.03
N GLY D 227 28.46 -10.89 0.50
CA GLY D 227 28.43 -12.30 0.16
C GLY D 227 27.57 -12.59 -1.05
N ALA D 228 28.09 -13.40 -1.98
CA ALA D 228 27.42 -13.67 -3.25
C ALA D 228 26.63 -14.96 -3.15
N ALA D 229 25.31 -14.87 -3.34
CA ALA D 229 24.44 -16.03 -3.33
C ALA D 229 24.83 -17.00 -4.44
N ALA D 231 23.32 -18.74 -6.47
CA ALA D 231 22.23 -18.12 -7.19
C ALA D 231 22.13 -18.70 -8.59
N GLU D 232 20.92 -18.61 -9.17
CA GLU D 232 20.66 -19.12 -10.50
C GLU D 232 21.61 -18.46 -11.51
N LYS D 233 21.97 -19.21 -12.55
CA LYS D 233 22.86 -18.68 -13.56
C LYS D 233 22.14 -17.63 -14.42
N PRO D 234 22.85 -16.60 -14.87
CA PRO D 234 22.19 -15.50 -15.58
C PRO D 234 21.58 -15.96 -16.89
N TYR D 235 20.49 -15.30 -17.29
CA TYR D 235 19.84 -15.58 -18.56
C TYR D 235 20.40 -14.75 -19.71
N ILE D 236 21.43 -13.94 -19.45
CA ILE D 236 22.17 -13.25 -20.49
C ILE D 236 23.62 -13.71 -20.40
N THR D 237 24.14 -14.23 -21.51
CA THR D 237 25.53 -14.69 -21.60
C THR D 237 26.20 -13.97 -22.76
N LEU D 238 27.31 -13.32 -22.48
CA LEU D 238 28.06 -12.58 -23.49
C LEU D 238 29.45 -13.17 -23.64
N LEU D 239 30.03 -12.99 -24.82
CA LEU D 239 31.39 -13.44 -25.11
C LEU D 239 32.27 -12.23 -25.35
N TYR D 240 33.36 -12.13 -24.61
CA TYR D 240 34.24 -10.97 -24.68
C TYR D 240 35.56 -11.35 -25.34
N ARG D 241 36.01 -10.49 -26.24
CA ARG D 241 37.37 -10.41 -26.72
C ARG D 241 37.66 -8.92 -26.91
N PRO D 242 38.94 -8.52 -26.90
CA PRO D 242 39.26 -7.09 -27.06
C PRO D 242 38.52 -6.46 -28.23
N GLY D 243 37.74 -5.42 -27.95
CA GLY D 243 36.95 -4.74 -28.96
C GLY D 243 35.62 -5.39 -29.30
N HIS D 244 35.24 -6.50 -28.66
CA HIS D 244 34.05 -7.21 -29.07
C HIS D 244 33.26 -7.73 -27.87
N TYR D 245 31.94 -7.57 -27.95
CA TYR D 245 31.00 -8.26 -27.08
C TYR D 245 29.95 -8.88 -27.97
N ASP D 246 29.82 -10.20 -27.93
CA ASP D 246 28.83 -10.92 -28.71
C ASP D 246 27.94 -11.74 -27.79
N ILE D 247 26.76 -12.08 -28.29
CA ILE D 247 25.75 -12.82 -27.54
C ILE D 247 25.95 -14.32 -27.77
N LEU D 248 25.95 -15.09 -26.68
CA LEU D 248 26.02 -16.53 -26.76
C LEU D 248 24.65 -17.14 -26.47
N TYR D 249 24.38 -18.28 -27.10
CA TYR D 249 23.14 -19.01 -26.90
C TYR D 249 23.45 -20.39 -26.35
N PRO D 250 23.12 -20.68 -25.09
CA PRO D 250 23.45 -21.99 -24.53
C PRO D 250 22.67 -23.11 -25.20
N LYS D 251 23.19 -24.32 -25.05
CA LYS D 251 22.53 -25.51 -25.57
C LYS D 251 21.96 -26.36 -24.42
#